data_3N4P
#
_entry.id   3N4P
#
_cell.length_a   82.860
_cell.length_b   87.960
_cell.length_c   188.380
_cell.angle_alpha   90.00
_cell.angle_beta   90.00
_cell.angle_gamma   90.00
#
_symmetry.space_group_name_H-M   'P 21 21 21'
#
loop_
_entity.id
_entity.type
_entity.pdbx_description
1 polymer 'Terminase subunit UL89 protein'
2 non-polymer 'MAGNESIUM ION'
3 water water
#
_entity_poly.entity_id   1
_entity_poly.type   'polypeptide(L)'
_entity_poly.pdbx_seq_one_letter_code
;MGHHHHHHDYDIPTTENLYFQGGGTNKISQNTVLITDQSREEFDILRYSTLNTNAYDYFGKTLYVYLDPAFTTNRKASGT
GVAAVGAYRHQFLIYGLEHFFLRDLSESSEVAIAECAAHMIISVLSLHPYLDELRIAVEGNTNQAAAVRIACLIRQSVQS
STLIRVLFYHTPDQNHIEQPFYLMGRDKALAVEQFISRFNSGYIKASQELVSYTIKLSHDPIEYLLEQIQNLHRVTLAEG
TTARYSAKRQNRISDDLIIAVIMATYLCDDIHAIRFRVS
;
_entity_poly.pdbx_strand_id   A,B,C,D
#
loop_
_chem_comp.id
_chem_comp.type
_chem_comp.name
_chem_comp.formula
MG non-polymer 'MAGNESIUM ION' 'Mg 2'
#
# COMPACT_ATOMS: atom_id res chain seq x y z
N LEU A 34 31.12 4.47 20.60
CA LEU A 34 31.64 4.79 19.21
C LEU A 34 30.53 5.07 18.21
N ILE A 35 30.83 6.01 17.35
CA ILE A 35 29.87 6.49 16.43
C ILE A 35 30.03 5.74 15.08
N THR A 36 28.91 5.43 14.50
CA THR A 36 28.78 4.60 13.33
C THR A 36 29.11 5.37 12.09
N ASP A 37 29.66 4.67 11.10
CA ASP A 37 30.07 5.33 9.87
C ASP A 37 28.84 5.96 9.17
N GLN A 38 27.76 5.19 9.08
CA GLN A 38 26.60 5.68 8.38
C GLN A 38 26.01 6.93 9.07
N SER A 39 26.08 7.00 10.41
CA SER A 39 25.49 8.12 11.11
C SER A 39 26.23 9.39 10.81
N ARG A 40 27.54 9.35 10.85
CA ARG A 40 28.31 10.47 10.40
C ARG A 40 27.92 10.89 8.97
N GLU A 41 27.68 9.94 8.04
CA GLU A 41 27.43 10.35 6.62
C GLU A 41 26.11 11.07 6.52
N GLU A 42 25.05 10.51 7.15
CA GLU A 42 23.75 11.14 7.23
C GLU A 42 23.86 12.54 7.83
N PHE A 43 24.65 12.71 8.87
CA PHE A 43 24.73 13.97 9.55
C PHE A 43 25.27 14.98 8.56
N ASP A 44 26.23 14.54 7.74
CA ASP A 44 26.76 15.41 6.73
C ASP A 44 25.66 15.76 5.64
N ILE A 45 24.90 14.76 5.16
CA ILE A 45 24.23 15.02 3.88
C ILE A 45 22.71 15.25 4.05
N LEU A 46 22.24 15.19 5.31
CA LEU A 46 20.85 15.32 5.61
C LEU A 46 20.59 16.35 6.71
N ARG A 47 20.31 17.62 6.30
CA ARG A 47 20.15 18.73 7.22
C ARG A 47 18.74 19.29 7.10
N TYR A 48 18.20 19.76 8.23
CA TYR A 48 16.90 20.38 8.25
C TYR A 48 16.88 21.70 7.54
N SER A 49 15.89 21.85 6.70
CA SER A 49 15.66 23.19 6.19
C SER A 49 14.29 23.62 6.62
N THR A 50 14.25 24.38 7.67
CA THR A 50 12.97 24.76 8.26
C THR A 50 12.14 25.85 7.52
N LEU A 51 12.73 26.46 6.51
CA LEU A 51 12.17 27.68 5.95
C LEU A 51 11.25 27.30 4.84
N ASN A 52 11.32 26.00 4.53
CA ASN A 52 10.45 25.34 3.57
C ASN A 52 9.04 25.14 4.13
N THR A 53 8.96 25.05 5.48
CA THR A 53 7.70 24.92 6.21
C THR A 53 7.21 26.27 6.69
N ASN A 54 5.90 26.44 6.79
CA ASN A 54 5.39 27.59 7.51
C ASN A 54 4.38 27.29 8.64
N ALA A 55 4.13 26.00 8.85
CA ALA A 55 3.14 25.48 9.79
C ALA A 55 3.57 25.57 11.29
N TYR A 56 4.59 24.78 11.62
CA TYR A 56 5.30 24.79 12.88
C TYR A 56 4.83 23.97 14.11
N ASP A 57 3.67 23.30 14.04
CA ASP A 57 3.05 22.72 15.28
C ASP A 57 3.87 21.67 16.06
N TYR A 58 4.83 20.99 15.38
CA TYR A 58 5.68 19.93 16.00
C TYR A 58 7.21 20.32 16.24
N PHE A 59 7.48 21.60 16.08
CA PHE A 59 8.77 22.18 16.60
C PHE A 59 8.59 22.46 18.01
N GLY A 60 9.71 22.46 18.68
CA GLY A 60 9.81 23.07 19.94
C GLY A 60 10.01 24.53 19.59
N LYS A 61 9.57 25.33 20.54
CA LYS A 61 9.67 26.78 20.35
C LYS A 61 10.66 27.22 21.38
N THR A 62 11.40 26.28 21.97
CA THR A 62 12.44 26.62 22.94
C THR A 62 13.83 26.39 22.36
N LEU A 63 14.70 27.41 22.45
CA LEU A 63 16.10 27.23 22.09
C LEU A 63 16.87 26.90 23.41
N TYR A 64 17.57 25.76 23.47
CA TYR A 64 18.39 25.30 24.60
C TYR A 64 19.79 25.62 24.28
N VAL A 65 20.50 26.33 25.17
CA VAL A 65 21.90 26.75 24.86
C VAL A 65 22.71 26.33 26.04
N TYR A 66 23.83 25.67 25.75
CA TYR A 66 24.81 25.33 26.81
C TYR A 66 26.10 26.02 26.43
N LEU A 67 26.81 26.66 27.38
CA LEU A 67 28.20 27.04 27.14
C LEU A 67 29.01 26.74 28.37
N ASP A 68 30.26 26.40 28.15
CA ASP A 68 31.17 26.20 29.21
C ASP A 68 32.34 27.16 29.09
N PRO A 69 32.28 28.31 29.75
CA PRO A 69 33.40 29.27 29.75
C PRO A 69 34.82 28.71 30.11
N ALA A 70 35.87 29.32 29.57
CA ALA A 70 37.30 28.99 29.88
C ALA A 70 37.88 29.86 31.00
N GLY A 79 39.31 26.14 24.62
CA GLY A 79 38.36 27.15 24.15
C GLY A 79 37.01 27.03 24.85
N THR A 80 36.13 28.00 24.63
CA THR A 80 34.78 27.96 25.23
C THR A 80 33.82 27.54 24.13
N GLY A 81 33.12 26.44 24.34
CA GLY A 81 32.23 25.91 23.35
C GLY A 81 30.82 26.39 23.70
N VAL A 82 30.02 26.65 22.65
CA VAL A 82 28.66 27.09 22.79
C VAL A 82 27.87 26.33 21.78
N ALA A 83 26.71 25.87 22.16
CA ALA A 83 25.85 25.24 21.18
C ALA A 83 24.43 25.64 21.39
N ALA A 84 23.66 25.73 20.30
CA ALA A 84 22.16 25.99 20.51
C ALA A 84 21.32 24.93 19.81
N VAL A 85 20.33 24.33 20.46
CA VAL A 85 19.58 23.22 19.84
C VAL A 85 18.11 23.36 20.08
N GLY A 86 17.23 22.71 19.32
CA GLY A 86 15.82 22.64 19.80
C GLY A 86 15.28 21.35 19.26
N ALA A 87 13.99 21.10 19.48
CA ALA A 87 13.38 19.87 19.16
C ALA A 87 12.63 19.91 17.81
N TYR A 88 12.59 18.81 17.07
CA TYR A 88 11.55 18.67 16.08
C TYR A 88 10.93 17.32 16.39
N ARG A 89 9.67 17.27 16.76
CA ARG A 89 9.06 16.02 17.25
C ARG A 89 9.97 15.39 18.34
N HIS A 90 10.33 14.12 18.17
CA HIS A 90 11.18 13.52 19.19
C HIS A 90 12.63 13.55 18.82
N GLN A 91 13.03 14.37 17.82
CA GLN A 91 14.41 14.42 17.47
C GLN A 91 14.98 15.82 17.75
N PHE A 92 16.23 16.08 17.31
CA PHE A 92 16.89 17.31 17.77
C PHE A 92 17.58 17.95 16.62
N LEU A 93 17.59 19.29 16.58
CA LEU A 93 18.52 19.90 15.60
C LEU A 93 19.37 20.97 16.15
N ILE A 94 20.50 21.18 15.51
CA ILE A 94 21.44 22.10 16.04
C ILE A 94 21.28 23.38 15.27
N TYR A 95 20.94 24.48 15.95
CA TYR A 95 20.86 25.78 15.19
C TYR A 95 22.07 26.63 15.26
N GLY A 96 22.93 26.45 16.23
CA GLY A 96 24.13 27.34 16.24
C GLY A 96 25.29 26.74 17.00
N LEU A 97 26.52 27.12 16.67
CA LEU A 97 27.68 26.59 17.31
C LEU A 97 28.76 27.67 17.36
N GLU A 98 29.39 27.84 18.51
CA GLU A 98 30.56 28.70 18.53
C GLU A 98 31.65 27.97 19.28
N HIS A 99 32.87 28.26 18.92
CA HIS A 99 34.06 27.86 19.65
C HIS A 99 35.02 29.06 19.73
N PHE A 100 35.13 29.66 20.91
CA PHE A 100 35.57 31.04 21.01
C PHE A 100 36.80 31.11 21.86
N PHE A 101 37.79 31.81 21.31
CA PHE A 101 39.14 31.80 21.82
C PHE A 101 39.68 32.97 22.63
N LEU A 102 39.92 32.62 23.89
CA LEU A 102 40.56 33.42 24.92
C LEU A 102 42.07 33.22 24.90
N SER A 106 42.75 43.12 24.22
CA SER A 106 43.34 43.04 25.56
C SER A 106 42.56 42.05 26.42
N GLU A 107 41.63 42.55 27.25
CA GLU A 107 41.00 41.78 28.33
C GLU A 107 39.46 41.64 28.34
N SER A 108 38.87 41.74 29.54
CA SER A 108 37.46 41.50 29.82
C SER A 108 36.89 40.30 29.04
N SER A 109 37.40 39.15 29.43
CA SER A 109 37.01 37.88 28.88
C SER A 109 35.50 37.64 29.08
N GLU A 110 34.99 37.94 30.26
CA GLU A 110 33.59 37.63 30.55
C GLU A 110 32.67 38.36 29.57
N VAL A 111 32.87 39.67 29.41
CA VAL A 111 32.09 40.44 28.47
C VAL A 111 32.22 39.81 27.10
N ALA A 112 33.46 39.56 26.67
CA ALA A 112 33.71 38.99 25.36
C ALA A 112 32.94 37.71 25.11
N ILE A 113 33.12 36.74 26.01
CA ILE A 113 32.41 35.47 25.94
C ILE A 113 30.88 35.64 25.89
N ALA A 114 30.32 36.52 26.72
CA ALA A 114 28.87 36.70 26.79
C ALA A 114 28.40 37.22 25.47
N GLU A 115 29.17 38.10 24.86
CA GLU A 115 28.76 38.77 23.64
C GLU A 115 28.79 37.81 22.43
N CYS A 116 29.80 36.93 22.40
CA CYS A 116 29.81 35.82 21.48
C CYS A 116 28.60 34.88 21.59
N ALA A 117 28.29 34.38 22.80
CA ALA A 117 27.12 33.49 22.94
C ALA A 117 25.90 34.27 22.51
N ALA A 118 25.75 35.50 23.02
CA ALA A 118 24.55 36.33 22.75
C ALA A 118 24.32 36.67 21.25
N HIS A 119 25.38 37.00 20.53
CA HIS A 119 25.31 37.26 19.07
C HIS A 119 24.75 36.05 18.26
N MET A 120 25.26 34.85 18.54
CA MET A 120 24.69 33.70 17.90
C MET A 120 23.20 33.54 18.28
N ILE A 121 22.84 33.76 19.55
CA ILE A 121 21.45 33.51 19.95
C ILE A 121 20.55 34.47 19.16
N ILE A 122 20.95 35.72 19.14
CA ILE A 122 20.20 36.77 18.42
C ILE A 122 19.93 36.39 16.97
N SER A 123 21.01 36.11 16.23
CA SER A 123 20.93 35.59 14.86
C SER A 123 20.03 34.35 14.72
N VAL A 124 20.25 33.32 15.53
CA VAL A 124 19.39 32.18 15.41
C VAL A 124 17.93 32.63 15.65
N LEU A 125 17.63 33.43 16.68
CA LEU A 125 16.22 33.80 16.96
C LEU A 125 15.74 34.64 15.77
N SER A 126 16.59 35.52 15.31
CA SER A 126 16.17 36.38 14.21
C SER A 126 15.79 35.58 12.94
N LEU A 127 16.30 34.36 12.76
CA LEU A 127 16.08 33.59 11.52
C LEU A 127 14.94 32.59 11.72
N HIS A 128 14.61 32.31 12.98
CA HIS A 128 13.52 31.40 13.34
C HIS A 128 12.58 32.12 14.33
N PRO A 129 11.72 33.00 13.79
CA PRO A 129 10.74 33.71 14.64
C PRO A 129 9.72 32.83 15.43
N TYR A 130 9.51 31.56 15.04
CA TYR A 130 8.68 30.64 15.88
C TYR A 130 9.33 30.32 17.23
N LEU A 131 10.63 30.60 17.37
CA LEU A 131 11.29 30.30 18.67
C LEU A 131 10.90 31.36 19.69
N ASP A 132 10.38 30.97 20.83
CA ASP A 132 9.83 32.00 21.74
C ASP A 132 10.18 31.85 23.20
N GLU A 133 11.13 30.98 23.50
CA GLU A 133 11.67 30.92 24.85
C GLU A 133 13.14 30.49 24.70
N LEU A 134 13.96 30.89 25.64
CA LEU A 134 15.42 30.55 25.68
C LEU A 134 15.65 29.92 27.02
N ARG A 135 16.30 28.78 27.00
CA ARG A 135 16.72 28.07 28.14
C ARG A 135 18.20 27.92 28.10
N ILE A 136 18.91 28.51 29.04
CA ILE A 136 20.37 28.60 28.90
C ILE A 136 21.03 27.96 30.12
N ALA A 137 22.11 27.25 29.89
CA ALA A 137 22.86 26.66 30.97
C ALA A 137 24.28 27.10 30.86
N VAL A 138 24.80 27.69 31.93
CA VAL A 138 26.18 28.19 31.87
C VAL A 138 26.96 27.36 32.85
N GLU A 139 27.92 26.57 32.36
CA GLU A 139 28.65 25.67 33.25
C GLU A 139 29.62 26.40 34.21
N GLY A 140 29.67 25.98 35.47
CA GLY A 140 30.38 26.71 36.47
C GLY A 140 31.46 25.97 37.24
N ASN A 141 32.05 24.92 36.68
CA ASN A 141 33.09 24.14 37.36
C ASN A 141 34.24 25.02 37.75
N THR A 142 34.39 25.23 39.06
CA THR A 142 35.48 26.00 39.70
C THR A 142 35.20 27.47 39.87
N ASN A 143 34.58 28.12 38.87
CA ASN A 143 34.25 29.52 39.09
C ASN A 143 32.78 29.91 38.94
N GLN A 144 32.06 29.50 39.96
CA GLN A 144 30.67 29.83 40.16
C GLN A 144 30.35 31.33 39.95
N ALA A 145 31.16 32.20 40.56
CA ALA A 145 31.03 33.66 40.43
C ALA A 145 31.08 34.17 39.00
N ALA A 146 32.03 33.70 38.20
CA ALA A 146 32.14 34.19 36.83
C ALA A 146 31.02 33.68 35.91
N ALA A 147 30.63 32.40 36.09
CA ALA A 147 29.47 31.85 35.39
C ALA A 147 28.22 32.67 35.65
N VAL A 148 28.11 33.19 36.87
CA VAL A 148 26.94 33.93 37.28
C VAL A 148 26.95 35.31 36.61
N ARG A 149 28.11 35.95 36.55
CA ARG A 149 28.22 37.26 35.87
C ARG A 149 27.97 37.20 34.35
N ILE A 150 28.45 36.11 33.72
CA ILE A 150 28.23 35.83 32.30
C ILE A 150 26.74 35.55 31.97
N ALA A 151 26.09 34.75 32.78
CA ALA A 151 24.63 34.59 32.70
C ALA A 151 23.94 35.94 32.62
N CYS A 152 24.26 36.82 33.55
CA CYS A 152 23.67 38.18 33.62
C CYS A 152 24.00 39.07 32.41
N LEU A 153 25.26 39.12 32.01
CA LEU A 153 25.60 39.74 30.73
C LEU A 153 24.87 39.15 29.51
N ILE A 154 24.81 37.83 29.39
CA ILE A 154 24.12 37.24 28.24
C ILE A 154 22.63 37.67 28.20
N ARG A 155 22.05 37.69 29.38
CA ARG A 155 20.64 38.04 29.51
C ARG A 155 20.49 39.46 29.10
N GLN A 156 21.36 40.32 29.61
CA GLN A 156 21.27 41.71 29.20
C GLN A 156 21.37 41.90 27.67
N SER A 157 22.39 41.32 27.01
CA SER A 157 22.54 41.58 25.54
C SER A 157 21.34 41.02 24.80
N VAL A 158 20.88 39.84 25.17
CA VAL A 158 19.70 39.30 24.46
C VAL A 158 18.46 40.20 24.63
N GLN A 159 18.16 40.60 25.89
CA GLN A 159 17.02 41.51 26.12
C GLN A 159 17.16 42.95 25.59
N SER A 160 18.36 43.49 25.40
CA SER A 160 18.46 44.78 24.67
C SER A 160 18.15 44.65 23.18
N SER A 161 18.29 43.47 22.61
CA SER A 161 18.03 43.27 21.16
C SER A 161 16.61 42.82 20.82
N THR A 162 15.96 42.07 21.69
CA THR A 162 14.73 41.42 21.30
C THR A 162 13.83 41.07 22.50
N LEU A 163 12.54 40.98 22.29
CA LEU A 163 11.59 40.68 23.32
C LEU A 163 11.43 39.15 23.39
N ILE A 164 11.93 38.52 24.45
CA ILE A 164 11.84 37.08 24.55
C ILE A 164 11.94 36.58 25.96
N ARG A 165 11.20 35.53 26.30
CA ARG A 165 11.29 34.97 27.60
C ARG A 165 12.60 34.21 27.80
N VAL A 166 13.35 34.53 28.88
CA VAL A 166 14.78 33.96 28.98
C VAL A 166 14.92 33.28 30.35
N LEU A 167 15.20 31.98 30.40
CA LEU A 167 15.39 31.25 31.66
C LEU A 167 16.80 30.68 31.74
N PHE A 168 17.33 30.49 32.94
CA PHE A 168 18.71 29.94 33.09
C PHE A 168 18.60 28.70 33.95
N TYR A 169 19.42 27.70 33.68
CA TYR A 169 19.54 26.58 34.65
C TYR A 169 20.04 27.10 35.97
N HIS A 170 19.36 26.75 37.07
CA HIS A 170 19.79 27.15 38.41
C HIS A 170 20.22 25.99 39.32
N THR A 171 21.26 26.24 40.13
CA THR A 171 21.81 25.34 41.14
C THR A 171 21.97 26.07 42.49
N PRO A 172 21.51 25.42 43.58
CA PRO A 172 21.65 26.01 44.93
C PRO A 172 23.08 25.89 45.36
N ASP A 173 23.70 26.98 45.78
CA ASP A 173 25.07 26.84 46.31
C ASP A 173 25.33 27.46 47.67
N GLN A 174 26.23 26.81 48.42
CA GLN A 174 26.48 27.01 49.90
C GLN A 174 25.25 27.26 50.77
N ASN A 175 24.73 28.48 50.67
CA ASN A 175 23.64 28.95 51.51
C ASN A 175 22.26 28.48 51.01
N HIS A 176 22.27 27.45 50.15
CA HIS A 176 21.11 26.99 49.36
C HIS A 176 20.40 28.12 48.60
N ILE A 177 21.13 29.16 48.21
CA ILE A 177 20.58 30.17 47.28
C ILE A 177 20.70 29.69 45.82
N GLU A 178 19.55 29.55 45.17
CA GLU A 178 19.50 29.20 43.75
C GLU A 178 20.33 30.21 42.93
N GLN A 179 21.34 29.72 42.20
CA GLN A 179 22.18 30.57 41.34
C GLN A 179 22.10 30.09 39.88
N PRO A 180 22.27 31.00 38.90
CA PRO A 180 22.19 30.59 37.52
C PRO A 180 23.46 29.98 36.95
N PHE A 181 23.93 28.89 37.53
CA PHE A 181 24.92 28.06 36.87
C PHE A 181 24.54 26.57 36.94
N TYR A 182 25.27 25.80 36.13
CA TYR A 182 25.14 24.38 36.00
C TYR A 182 26.47 23.76 36.35
N LEU A 183 26.41 22.76 37.21
CA LEU A 183 27.59 21.99 37.64
C LEU A 183 27.63 20.64 36.97
N MET A 184 28.60 20.40 36.12
CA MET A 184 28.74 19.03 35.69
C MET A 184 29.33 18.21 36.79
N GLY A 185 28.72 17.07 37.03
CA GLY A 185 29.39 16.11 37.87
C GLY A 185 29.38 14.83 37.10
N ARG A 186 28.86 13.82 37.79
CA ARG A 186 28.77 12.50 37.22
C ARG A 186 27.69 12.42 36.16
N ASP A 187 26.87 13.44 35.96
CA ASP A 187 25.92 13.34 34.83
C ASP A 187 26.54 13.29 33.41
N LYS A 188 27.74 13.82 33.28
CA LYS A 188 28.45 13.84 32.05
C LYS A 188 28.48 12.49 31.35
N ALA A 189 28.99 11.44 32.01
CA ALA A 189 28.90 10.09 31.42
C ALA A 189 27.46 9.76 30.91
N LEU A 190 26.47 10.10 31.71
CA LEU A 190 25.12 9.81 31.30
C LEU A 190 24.76 10.61 30.04
N ALA A 191 25.13 11.88 29.96
CA ALA A 191 24.84 12.68 28.74
C ALA A 191 25.60 12.14 27.53
N VAL A 192 26.83 11.65 27.72
CA VAL A 192 27.57 11.15 26.60
C VAL A 192 26.90 9.87 26.05
N GLU A 193 26.56 8.92 26.93
CA GLU A 193 25.82 7.72 26.52
C GLU A 193 24.51 8.00 25.75
N GLN A 194 23.65 8.88 26.23
CA GLN A 194 22.43 9.16 25.48
C GLN A 194 22.76 9.76 24.12
N PHE A 195 23.77 10.63 24.10
CA PHE A 195 24.10 11.28 22.84
C PHE A 195 24.57 10.22 21.80
N ILE A 196 25.39 9.27 22.18
CA ILE A 196 25.85 8.23 21.27
C ILE A 196 24.68 7.39 20.67
N SER A 197 23.83 6.91 21.52
CA SER A 197 22.61 6.26 21.16
C SER A 197 21.67 7.10 20.25
N ARG A 198 21.36 8.38 20.58
CA ARG A 198 20.63 9.27 19.64
C ARG A 198 21.39 9.63 18.35
N PHE A 199 22.69 9.83 18.43
CA PHE A 199 23.36 10.20 17.21
C PHE A 199 23.37 9.00 16.26
N ASN A 200 23.65 7.81 16.78
CA ASN A 200 23.68 6.58 15.94
C ASN A 200 22.33 6.25 15.34
N SER A 201 21.25 6.59 16.03
CA SER A 201 19.93 6.38 15.49
C SER A 201 19.49 7.47 14.51
N GLY A 202 20.27 8.53 14.30
CA GLY A 202 19.87 9.55 13.35
C GLY A 202 18.99 10.65 13.95
N TYR A 203 18.88 10.71 15.30
CA TYR A 203 17.96 11.62 16.00
C TYR A 203 18.50 13.02 16.19
N ILE A 204 19.78 13.18 15.90
CA ILE A 204 20.45 14.46 16.05
C ILE A 204 20.95 14.95 14.76
N LYS A 205 20.47 16.09 14.29
CA LYS A 205 20.82 16.60 12.95
C LYS A 205 21.22 18.06 12.98
N ALA A 206 21.92 18.58 11.97
CA ALA A 206 22.12 20.04 11.87
C ALA A 206 20.97 20.68 11.08
N SER A 207 20.79 21.98 11.30
CA SER A 207 20.01 22.76 10.40
C SER A 207 20.92 23.27 9.24
N GLN A 208 20.37 23.30 8.05
CA GLN A 208 20.98 23.97 6.90
C GLN A 208 21.50 25.37 7.15
N GLU A 209 20.73 26.10 7.93
CA GLU A 209 20.97 27.51 8.20
C GLU A 209 21.62 27.73 9.59
N LEU A 210 22.29 26.70 10.09
CA LEU A 210 23.19 26.76 11.24
C LEU A 210 24.05 28.07 11.32
N VAL A 211 23.95 28.81 12.44
CA VAL A 211 24.76 30.01 12.70
C VAL A 211 26.07 29.68 13.42
N SER A 212 27.18 30.17 12.89
CA SER A 212 28.43 30.22 13.62
C SER A 212 29.26 31.43 13.13
N TYR A 213 29.69 32.31 14.02
CA TYR A 213 30.44 33.48 13.65
C TYR A 213 31.88 33.24 13.94
N THR A 214 32.15 32.21 14.71
CA THR A 214 33.48 31.94 15.17
C THR A 214 34.15 30.86 14.31
N ILE A 215 33.35 30.01 13.64
CA ILE A 215 33.90 28.83 12.93
C ILE A 215 33.71 28.94 11.41
N LYS A 216 32.62 29.61 11.01
CA LYS A 216 32.01 29.56 9.67
C LYS A 216 32.73 30.45 8.68
N LEU A 217 33.47 29.82 7.75
CA LEU A 217 33.85 30.46 6.46
C LEU A 217 35.30 30.24 5.97
N SER A 218 36.08 29.55 6.79
CA SER A 218 37.38 29.00 6.37
C SER A 218 37.25 27.55 6.79
N HIS A 219 36.19 27.32 7.56
CA HIS A 219 35.77 26.01 8.02
C HIS A 219 34.25 25.91 7.82
N ASP A 220 33.78 24.68 7.60
CA ASP A 220 32.35 24.34 7.68
C ASP A 220 32.06 23.75 9.08
N PRO A 221 31.17 24.40 9.85
CA PRO A 221 30.96 24.02 11.25
C PRO A 221 30.65 22.56 11.41
N ILE A 222 29.85 21.99 10.51
CA ILE A 222 29.53 20.58 10.49
C ILE A 222 30.77 19.68 10.37
N GLU A 223 31.68 20.08 9.47
CA GLU A 223 32.91 19.33 9.30
C GLU A 223 33.66 19.30 10.61
N TYR A 224 33.79 20.47 11.20
CA TYR A 224 34.66 20.67 12.40
C TYR A 224 34.07 19.94 13.62
N LEU A 225 32.77 19.98 13.72
CA LEU A 225 32.08 19.14 14.72
C LEU A 225 32.23 17.63 14.42
N LEU A 226 32.15 17.27 13.16
CA LEU A 226 32.29 15.89 12.79
C LEU A 226 33.67 15.36 13.24
N GLU A 227 34.66 16.21 13.17
CA GLU A 227 36.02 15.78 13.54
C GLU A 227 36.08 15.52 15.06
N GLN A 228 35.47 16.40 15.85
CA GLN A 228 35.34 16.11 17.29
C GLN A 228 34.52 14.86 17.59
N ILE A 229 33.45 14.61 16.83
CA ILE A 229 32.59 13.42 17.05
C ILE A 229 33.36 12.13 16.86
N GLN A 230 34.13 12.11 15.79
CA GLN A 230 34.98 11.00 15.42
C GLN A 230 35.99 10.73 16.53
N ASN A 231 36.29 11.73 17.34
CA ASN A 231 37.45 11.68 18.23
C ASN A 231 37.32 11.30 19.71
N LEU A 232 36.14 10.96 20.20
CA LEU A 232 36.15 10.66 21.64
C LEU A 232 35.47 9.41 22.18
N HIS A 233 35.88 9.09 23.40
CA HIS A 233 35.66 7.81 24.08
C HIS A 233 35.51 8.14 25.57
N ARG A 234 35.29 7.12 26.40
CA ARG A 234 34.71 7.38 27.72
C ARG A 234 35.52 7.05 28.97
N SER A 254 40.80 18.56 21.00
CA SER A 254 39.91 19.34 21.86
C SER A 254 38.46 19.03 21.57
N ASP A 255 37.63 19.02 22.61
CA ASP A 255 36.26 18.54 22.51
C ASP A 255 35.23 19.46 23.14
N ASP A 256 35.52 20.75 23.17
CA ASP A 256 34.75 21.67 23.95
C ASP A 256 33.45 21.93 23.19
N LEU A 257 33.53 21.87 21.87
CA LEU A 257 32.33 21.98 21.08
C LEU A 257 31.41 20.79 21.12
N ILE A 258 31.90 19.58 20.96
CA ILE A 258 30.99 18.47 21.03
C ILE A 258 30.39 18.26 22.45
N ILE A 259 31.14 18.59 23.47
CA ILE A 259 30.53 18.58 24.79
C ILE A 259 29.36 19.55 24.91
N ALA A 260 29.43 20.71 24.26
CA ALA A 260 28.36 21.68 24.40
C ALA A 260 27.13 21.14 23.70
N VAL A 261 27.33 20.50 22.53
CA VAL A 261 26.21 19.87 21.81
C VAL A 261 25.58 18.71 22.61
N ILE A 262 26.44 17.91 23.23
CA ILE A 262 25.96 16.80 24.06
C ILE A 262 25.15 17.35 25.19
N MET A 263 25.64 18.39 25.87
CA MET A 263 24.95 18.83 27.11
C MET A 263 23.72 19.59 26.77
N ALA A 264 23.75 20.33 25.69
CA ALA A 264 22.60 21.07 25.22
C ALA A 264 21.46 20.11 24.85
N THR A 265 21.74 19.01 24.15
CA THR A 265 20.65 18.05 23.80
C THR A 265 20.28 17.23 25.01
N TYR A 266 21.20 16.87 25.88
CA TYR A 266 20.82 16.29 27.14
C TYR A 266 19.84 17.13 28.04
N LEU A 267 20.05 18.44 28.12
CA LEU A 267 19.19 19.31 28.90
C LEU A 267 17.86 19.65 28.31
N CYS A 268 17.56 19.16 27.11
CA CYS A 268 16.25 19.30 26.52
C CYS A 268 15.21 18.37 27.17
N ASP A 269 15.59 17.33 27.87
CA ASP A 269 14.53 16.45 28.47
C ASP A 269 13.63 17.09 29.51
N ASP A 270 12.38 16.62 29.61
CA ASP A 270 11.48 17.18 30.53
C ASP A 270 11.98 17.12 32.01
N ILE A 271 12.74 16.06 32.35
CA ILE A 271 13.26 15.84 33.67
C ILE A 271 14.01 17.06 34.19
N HIS A 272 14.61 17.86 33.31
CA HIS A 272 15.37 19.04 33.72
C HIS A 272 14.59 20.33 33.72
N ALA A 273 13.38 20.32 33.13
CA ALA A 273 12.65 21.57 32.86
C ALA A 273 12.54 22.42 34.12
N ILE A 274 12.27 21.77 35.22
CA ILE A 274 12.06 22.56 36.48
C ILE A 274 13.33 23.25 37.04
N ARG A 275 14.52 22.97 36.53
CA ARG A 275 15.76 23.70 37.01
C ARG A 275 15.95 25.05 36.30
N PHE A 276 15.22 25.23 35.23
CA PHE A 276 15.35 26.49 34.45
C PHE A 276 14.39 27.52 35.05
N ARG A 277 14.87 28.73 35.37
CA ARG A 277 14.01 29.77 35.98
C ARG A 277 14.41 31.11 35.42
N VAL A 278 13.48 32.06 35.42
CA VAL A 278 13.75 33.45 35.16
C VAL A 278 14.72 33.98 36.22
N SER A 279 15.83 34.52 35.76
CA SER A 279 16.88 34.99 36.65
C SER A 279 16.63 36.44 36.99
N LEU B 34 -4.99 8.80 4.82
CA LEU B 34 -4.30 8.43 3.55
C LEU B 34 -2.80 8.74 3.61
N ILE B 35 -2.43 10.01 3.53
CA ILE B 35 -1.03 10.41 3.58
C ILE B 35 -0.74 11.05 4.93
N THR B 36 0.35 10.68 5.59
CA THR B 36 0.63 11.23 6.90
C THR B 36 1.10 12.70 6.88
N ASP B 37 0.73 13.47 7.90
CA ASP B 37 1.25 14.82 8.14
C ASP B 37 2.72 14.88 8.46
N GLN B 38 3.19 14.04 9.39
CA GLN B 38 4.60 13.91 9.61
C GLN B 38 5.42 13.54 8.36
N SER B 39 4.90 12.67 7.52
CA SER B 39 5.70 12.24 6.37
C SER B 39 5.78 13.36 5.30
N ARG B 40 4.69 14.12 5.11
CA ARG B 40 4.66 15.26 4.20
C ARG B 40 5.60 16.37 4.65
N GLU B 41 5.66 16.55 5.95
CA GLU B 41 6.46 17.59 6.57
C GLU B 41 7.95 17.22 6.47
N GLU B 42 8.28 15.97 6.77
CA GLU B 42 9.66 15.52 6.61
C GLU B 42 10.18 15.48 5.16
N PHE B 43 9.31 15.18 4.21
CA PHE B 43 9.71 15.28 2.84
C PHE B 43 10.07 16.72 2.42
N ASP B 44 9.34 17.70 2.94
CA ASP B 44 9.63 19.11 2.75
C ASP B 44 10.93 19.62 3.43
N ILE B 45 11.11 19.29 4.71
CA ILE B 45 12.19 19.90 5.48
C ILE B 45 13.45 19.07 5.57
N LEU B 46 13.39 17.82 5.13
CA LEU B 46 14.58 16.95 5.17
C LEU B 46 14.95 16.46 3.75
N ARG B 47 15.84 17.20 3.08
CA ARG B 47 16.25 16.84 1.72
C ARG B 47 17.73 16.50 1.71
N TYR B 48 18.14 15.51 0.92
CA TYR B 48 19.54 15.07 0.80
C TYR B 48 20.45 16.03 -0.02
N SER B 49 21.58 16.41 0.54
CA SER B 49 22.54 17.32 -0.05
C SER B 49 23.68 16.46 -0.49
N THR B 50 23.42 15.73 -1.55
CA THR B 50 24.37 14.92 -2.24
C THR B 50 25.74 15.63 -2.52
N LEU B 51 25.69 16.95 -2.74
CA LEU B 51 26.88 17.74 -3.02
C LEU B 51 27.76 17.92 -1.80
N ASN B 52 27.25 17.62 -0.61
CA ASN B 52 28.01 17.70 0.63
C ASN B 52 29.00 16.54 0.80
N THR B 53 28.99 15.56 -0.11
CA THR B 53 29.88 14.42 0.06
C THR B 53 30.49 13.90 -1.25
N ASN B 54 31.64 13.23 -1.16
CA ASN B 54 32.28 12.50 -2.25
C ASN B 54 32.34 11.01 -1.98
N ALA B 55 31.47 10.55 -1.10
CA ALA B 55 31.48 9.14 -0.74
C ALA B 55 30.16 8.55 -1.23
N TYR B 56 30.26 7.78 -2.31
CA TYR B 56 29.13 7.34 -3.10
C TYR B 56 28.80 5.86 -2.96
N ASP B 57 29.52 5.17 -2.10
CA ASP B 57 29.40 3.71 -2.01
C ASP B 57 27.95 3.28 -1.94
N TYR B 58 27.13 4.02 -1.20
CA TYR B 58 25.72 3.67 -0.96
C TYR B 58 24.67 4.22 -1.93
N PHE B 59 25.08 4.98 -2.95
CA PHE B 59 24.09 5.43 -3.95
C PHE B 59 23.87 4.44 -5.06
N GLY B 60 22.64 4.32 -5.50
CA GLY B 60 22.45 3.56 -6.73
C GLY B 60 23.13 4.30 -7.90
N LYS B 61 23.68 3.56 -8.88
CA LYS B 61 24.35 4.21 -10.00
C LYS B 61 23.45 4.39 -11.22
N THR B 62 22.21 3.98 -11.06
CA THR B 62 21.31 4.07 -12.15
C THR B 62 20.25 5.12 -11.95
N LEU B 63 20.10 6.02 -12.92
CA LEU B 63 18.99 6.99 -12.93
C LEU B 63 17.75 6.37 -13.60
N TYR B 64 16.65 6.21 -12.91
CA TYR B 64 15.39 5.74 -13.51
C TYR B 64 14.56 6.98 -13.86
N VAL B 65 14.08 7.08 -15.09
CA VAL B 65 13.14 8.15 -15.38
C VAL B 65 11.82 7.69 -16.04
N TYR B 66 10.74 8.44 -15.87
CA TYR B 66 9.50 8.09 -16.52
C TYR B 66 8.87 9.34 -17.02
N LEU B 67 8.24 9.28 -18.19
CA LEU B 67 7.42 10.38 -18.62
C LEU B 67 6.20 9.87 -19.36
N ASP B 68 5.17 10.69 -19.34
CA ASP B 68 3.91 10.38 -20.04
C ASP B 68 3.59 11.49 -21.00
N PRO B 69 4.10 11.39 -22.24
CA PRO B 69 3.90 12.55 -23.11
C PRO B 69 2.41 12.76 -23.35
N ALA B 70 2.00 14.03 -23.30
CA ALA B 70 0.59 14.38 -23.31
C ALA B 70 0.13 14.92 -24.65
N PHE B 71 -0.92 14.33 -25.21
CA PHE B 71 -1.52 14.92 -26.42
C PHE B 71 -3.01 15.21 -26.31
N THR B 72 -3.75 14.26 -25.72
CA THR B 72 -5.20 14.11 -25.93
C THR B 72 -5.66 14.62 -27.33
N THR B 73 -6.89 15.13 -27.47
CA THR B 73 -7.35 15.59 -28.78
C THR B 73 -6.72 16.94 -29.21
N ASN B 74 -7.48 18.02 -29.00
CA ASN B 74 -7.29 19.32 -29.62
C ASN B 74 -7.18 20.39 -28.52
N ARG B 75 -8.02 20.24 -27.50
CA ARG B 75 -8.27 21.25 -26.47
C ARG B 75 -7.02 21.58 -25.66
N LYS B 76 -7.05 22.75 -25.03
CA LYS B 76 -6.05 23.14 -24.05
C LYS B 76 -6.30 22.29 -22.80
N ALA B 77 -5.40 21.34 -22.53
CA ALA B 77 -5.49 20.47 -21.34
C ALA B 77 -4.25 20.66 -20.43
N SER B 78 -3.83 19.61 -19.73
CA SER B 78 -2.64 19.65 -18.86
C SER B 78 -1.30 19.53 -19.62
N GLY B 79 -0.23 19.24 -18.89
CA GLY B 79 1.07 19.05 -19.50
C GLY B 79 1.55 17.62 -19.40
N THR B 80 2.87 17.47 -19.31
CA THR B 80 3.60 16.19 -19.38
C THR B 80 4.48 16.05 -18.14
N GLY B 81 4.28 15.02 -17.31
CA GLY B 81 5.08 14.76 -16.09
C GLY B 81 6.35 13.97 -16.42
N VAL B 82 7.50 14.41 -15.92
CA VAL B 82 8.81 13.75 -15.99
C VAL B 82 9.38 13.67 -14.52
N ALA B 83 9.92 12.52 -14.16
CA ALA B 83 10.59 12.33 -12.90
C ALA B 83 11.81 11.47 -13.08
N ALA B 84 12.81 11.78 -12.26
CA ALA B 84 14.10 11.13 -12.29
C ALA B 84 14.50 10.83 -10.86
N VAL B 85 14.63 9.51 -10.57
CA VAL B 85 14.93 8.92 -9.27
C VAL B 85 16.07 7.89 -9.27
N GLY B 86 16.73 7.71 -8.11
CA GLY B 86 17.86 6.77 -7.94
C GLY B 86 17.83 6.27 -6.49
N ALA B 87 18.48 5.16 -6.22
CA ALA B 87 18.46 4.61 -4.91
C ALA B 87 19.49 5.25 -4.00
N TYR B 88 19.14 5.32 -2.71
CA TYR B 88 20.14 5.57 -1.68
C TYR B 88 19.89 4.67 -0.51
N ARG B 89 20.86 3.77 -0.20
CA ARG B 89 20.69 2.65 0.71
C ARG B 89 19.33 2.06 0.43
N HIS B 90 18.45 2.02 1.43
CA HIS B 90 17.09 1.54 1.25
C HIS B 90 16.06 2.62 0.81
N GLN B 91 16.50 3.85 0.54
CA GLN B 91 15.60 4.95 0.12
C GLN B 91 15.69 5.23 -1.34
N PHE B 92 14.77 6.07 -1.81
CA PHE B 92 14.70 6.53 -3.18
C PHE B 92 14.64 8.00 -3.20
N LEU B 93 15.54 8.55 -4.01
CA LEU B 93 15.84 9.96 -4.04
C LEU B 93 15.32 10.61 -5.33
N ILE B 94 14.64 11.75 -5.24
CA ILE B 94 14.07 12.36 -6.46
C ILE B 94 15.09 13.37 -6.91
N TYR B 95 15.67 13.12 -8.10
CA TYR B 95 16.69 14.00 -8.65
C TYR B 95 16.16 15.11 -9.54
N GLY B 96 15.01 14.88 -10.15
CA GLY B 96 14.50 15.78 -11.17
C GLY B 96 13.02 15.65 -11.33
N LEU B 97 12.38 16.80 -11.63
CA LEU B 97 10.93 16.87 -11.90
C LEU B 97 10.71 17.87 -13.02
N GLU B 98 9.85 17.51 -13.96
CA GLU B 98 9.38 18.49 -14.92
C GLU B 98 7.92 18.31 -15.08
N HIS B 99 7.24 19.42 -15.35
CA HIS B 99 5.85 19.39 -15.73
C HIS B 99 5.81 20.36 -16.88
N PHE B 100 5.77 19.82 -18.08
CA PHE B 100 5.96 20.65 -19.26
C PHE B 100 4.69 20.94 -20.05
N PHE B 101 4.50 22.22 -20.42
CA PHE B 101 3.37 22.72 -21.20
C PHE B 101 3.94 23.39 -22.45
N LEU B 102 3.37 23.10 -23.60
CA LEU B 102 3.94 23.59 -24.85
C LEU B 102 4.01 25.13 -24.89
N GLU B 107 7.30 23.93 -31.52
CA GLU B 107 6.46 23.64 -32.68
C GLU B 107 6.16 22.14 -32.79
N SER B 108 7.20 21.30 -32.81
CA SER B 108 6.99 19.86 -32.75
C SER B 108 6.82 19.58 -31.30
N SER B 109 5.65 19.08 -30.97
CA SER B 109 5.34 18.81 -29.61
C SER B 109 6.32 17.76 -29.13
N GLU B 110 6.68 16.85 -30.03
CA GLU B 110 7.49 15.70 -29.71
C GLU B 110 8.92 16.10 -29.42
N VAL B 111 9.43 17.05 -30.19
CA VAL B 111 10.74 17.62 -29.92
C VAL B 111 10.78 18.44 -28.62
N ALA B 112 9.84 19.36 -28.43
CA ALA B 112 9.76 20.08 -27.18
C ALA B 112 9.72 19.11 -26.02
N ILE B 113 8.88 18.10 -26.10
CA ILE B 113 8.80 17.15 -24.99
C ILE B 113 10.09 16.40 -24.68
N ALA B 114 10.71 15.89 -25.72
CA ALA B 114 11.93 15.10 -25.59
C ALA B 114 13.11 15.91 -25.06
N GLU B 115 13.33 17.09 -25.67
CA GLU B 115 14.26 18.13 -25.19
C GLU B 115 14.08 18.59 -23.71
N CYS B 116 12.84 18.68 -23.23
CA CYS B 116 12.71 19.11 -21.87
C CYS B 116 13.09 17.92 -20.96
N ALA B 117 12.81 16.69 -21.42
CA ALA B 117 13.19 15.50 -20.63
C ALA B 117 14.73 15.36 -20.62
N ALA B 118 15.31 15.56 -21.79
CA ALA B 118 16.71 15.40 -21.96
C ALA B 118 17.51 16.44 -21.22
N HIS B 119 17.11 17.71 -21.31
CA HIS B 119 17.76 18.76 -20.58
C HIS B 119 17.75 18.47 -19.07
N MET B 120 16.66 17.99 -18.53
CA MET B 120 16.68 17.66 -17.10
C MET B 120 17.71 16.54 -16.79
N ILE B 121 17.68 15.46 -17.56
CA ILE B 121 18.60 14.32 -17.43
C ILE B 121 20.10 14.68 -17.49
N ILE B 122 20.49 15.51 -18.46
CA ILE B 122 21.84 16.01 -18.59
C ILE B 122 22.25 16.82 -17.37
N SER B 123 21.39 17.71 -16.85
CA SER B 123 21.79 18.43 -15.64
C SER B 123 21.96 17.48 -14.46
N VAL B 124 21.07 16.50 -14.32
CA VAL B 124 21.15 15.57 -13.25
C VAL B 124 22.43 14.77 -13.34
N LEU B 125 22.79 14.28 -14.54
CA LEU B 125 24.01 13.48 -14.67
C LEU B 125 25.21 14.32 -14.27
N SER B 126 25.23 15.56 -14.74
CA SER B 126 26.22 16.56 -14.39
C SER B 126 26.38 16.79 -12.88
N LEU B 127 25.28 16.87 -12.16
CA LEU B 127 25.34 17.04 -10.71
C LEU B 127 25.73 15.77 -9.88
N HIS B 128 25.61 14.58 -10.47
CA HIS B 128 25.82 13.35 -9.72
C HIS B 128 26.68 12.39 -10.51
N PRO B 129 28.00 12.56 -10.46
CA PRO B 129 28.83 11.88 -11.45
C PRO B 129 28.84 10.38 -11.23
N TYR B 130 28.43 9.97 -10.04
CA TYR B 130 28.45 8.55 -9.71
C TYR B 130 27.43 7.83 -10.57
N LEU B 131 26.50 8.56 -11.20
CA LEU B 131 25.45 7.92 -11.96
C LEU B 131 26.08 7.47 -13.29
N ASP B 132 26.05 6.16 -13.57
CA ASP B 132 26.72 5.62 -14.76
C ASP B 132 25.84 4.93 -15.81
N GLU B 133 24.52 4.91 -15.55
CA GLU B 133 23.51 4.32 -16.46
C GLU B 133 22.16 5.05 -16.37
N LEU B 134 21.42 5.09 -17.48
CA LEU B 134 20.05 5.60 -17.54
C LEU B 134 19.04 4.57 -17.94
N ARG B 135 17.90 4.54 -17.28
CA ARG B 135 16.84 3.65 -17.63
C ARG B 135 15.59 4.43 -17.70
N ILE B 136 14.96 4.40 -18.88
CA ILE B 136 13.92 5.34 -19.20
C ILE B 136 12.67 4.60 -19.65
N ALA B 137 11.52 4.93 -19.07
CA ALA B 137 10.25 4.45 -19.58
C ALA B 137 9.41 5.58 -20.16
N VAL B 138 8.85 5.39 -21.32
CA VAL B 138 8.04 6.45 -21.93
C VAL B 138 6.69 5.80 -22.11
N GLU B 139 5.67 6.34 -21.46
CA GLU B 139 4.32 5.82 -21.61
C GLU B 139 3.80 6.08 -22.99
N GLY B 140 3.21 5.07 -23.58
CA GLY B 140 2.60 5.26 -24.87
C GLY B 140 1.16 4.87 -24.96
N ASN B 141 0.43 4.95 -23.84
CA ASN B 141 -0.80 4.18 -23.76
C ASN B 141 -1.74 4.38 -24.93
N THR B 142 -2.12 5.61 -25.27
CA THR B 142 -2.98 5.68 -26.50
C THR B 142 -2.27 5.98 -27.82
N ASN B 143 -1.10 6.61 -27.72
CA ASN B 143 -0.37 7.04 -28.91
C ASN B 143 1.07 6.54 -28.85
N GLN B 144 1.25 5.30 -29.26
CA GLN B 144 2.51 4.58 -29.08
C GLN B 144 3.54 4.89 -30.15
N ALA B 145 3.07 5.35 -31.30
CA ALA B 145 3.96 5.73 -32.36
C ALA B 145 4.75 6.96 -31.88
N ALA B 146 4.02 7.98 -31.42
CA ALA B 146 4.64 9.19 -30.84
C ALA B 146 5.60 8.92 -29.67
N ALA B 147 5.33 7.88 -28.88
CA ALA B 147 6.20 7.55 -27.75
C ALA B 147 7.47 6.91 -28.27
N VAL B 148 7.34 6.12 -29.33
CA VAL B 148 8.51 5.61 -30.06
C VAL B 148 9.42 6.75 -30.45
N ARG B 149 8.88 7.73 -31.15
CA ARG B 149 9.69 8.79 -31.69
C ARG B 149 10.30 9.64 -30.62
N ILE B 150 9.53 9.88 -29.55
CA ILE B 150 10.02 10.62 -28.40
C ILE B 150 11.16 9.89 -27.73
N ALA B 151 11.04 8.58 -27.51
CA ALA B 151 12.15 7.82 -26.92
C ALA B 151 13.41 8.08 -27.73
N CYS B 152 13.27 7.94 -29.03
CA CYS B 152 14.38 8.07 -29.94
C CYS B 152 14.95 9.49 -29.85
N LEU B 153 14.10 10.49 -29.65
CA LEU B 153 14.61 11.88 -29.57
C LEU B 153 15.36 12.12 -28.29
N ILE B 154 14.96 11.45 -27.23
CA ILE B 154 15.57 11.62 -25.92
C ILE B 154 16.95 11.00 -25.98
N ARG B 155 17.04 9.76 -26.45
CA ARG B 155 18.31 9.06 -26.56
C ARG B 155 19.31 9.93 -27.37
N GLN B 156 18.81 10.51 -28.44
CA GLN B 156 19.54 11.49 -29.22
C GLN B 156 20.15 12.71 -28.48
N SER B 157 19.34 13.50 -27.76
CA SER B 157 19.89 14.66 -26.99
C SER B 157 20.87 14.16 -25.94
N VAL B 158 20.51 13.13 -25.23
CA VAL B 158 21.35 12.66 -24.15
C VAL B 158 22.75 12.32 -24.63
N GLN B 159 22.80 11.43 -25.62
CA GLN B 159 24.04 10.97 -26.27
C GLN B 159 24.81 11.99 -27.00
N SER B 160 24.16 13.05 -27.49
CA SER B 160 24.86 14.21 -28.11
C SER B 160 25.66 14.91 -27.04
N SER B 161 25.10 14.97 -25.82
CA SER B 161 25.67 15.76 -24.75
C SER B 161 26.67 15.08 -23.85
N THR B 162 26.53 13.77 -23.65
CA THR B 162 27.30 13.02 -22.67
C THR B 162 27.40 11.51 -23.04
N LEU B 163 28.47 10.85 -22.57
CA LEU B 163 28.66 9.41 -22.80
C LEU B 163 28.13 8.61 -21.61
N ILE B 164 27.06 7.86 -21.82
CA ILE B 164 26.49 7.04 -20.81
C ILE B 164 25.66 5.94 -21.49
N ARG B 165 25.43 4.79 -20.85
CA ARG B 165 24.55 3.79 -21.46
C ARG B 165 23.14 4.13 -21.18
N VAL B 166 22.34 4.11 -22.24
CA VAL B 166 20.91 4.42 -22.17
C VAL B 166 20.14 3.14 -22.49
N LEU B 167 19.11 2.84 -21.71
CA LEU B 167 18.24 1.66 -21.88
C LEU B 167 16.83 2.17 -21.81
N PHE B 168 15.92 1.58 -22.54
CA PHE B 168 14.55 2.03 -22.57
C PHE B 168 13.70 0.83 -22.20
N TYR B 169 12.55 1.10 -21.61
CA TYR B 169 11.67 0.00 -21.19
C TYR B 169 11.12 -0.47 -22.51
N HIS B 170 11.23 -1.76 -22.83
CA HIS B 170 10.70 -2.29 -24.11
C HIS B 170 9.54 -3.23 -23.87
N THR B 171 8.55 -3.13 -24.73
CA THR B 171 7.41 -4.04 -24.64
C THR B 171 7.10 -4.60 -26.04
N PRO B 172 6.67 -5.87 -26.09
CA PRO B 172 6.28 -6.48 -27.37
C PRO B 172 5.09 -5.76 -28.00
N ASP B 173 5.04 -5.70 -29.33
CA ASP B 173 3.86 -5.11 -29.98
C ASP B 173 3.10 -6.11 -30.85
N GLN B 174 3.04 -5.85 -32.16
CA GLN B 174 2.18 -6.59 -33.08
C GLN B 174 2.81 -7.88 -33.53
N ASN B 175 3.66 -7.78 -34.55
CA ASN B 175 4.43 -8.90 -35.04
C ASN B 175 5.49 -9.29 -34.01
N HIS B 176 5.12 -9.17 -32.73
CA HIS B 176 5.98 -9.54 -31.62
C HIS B 176 7.31 -8.79 -31.50
N ILE B 177 7.45 -7.66 -32.18
CA ILE B 177 8.69 -6.85 -32.11
C ILE B 177 8.66 -5.90 -30.90
N GLU B 178 9.80 -5.82 -30.20
CA GLU B 178 9.95 -4.87 -29.07
C GLU B 178 9.94 -3.44 -29.60
N GLN B 179 9.31 -2.57 -28.85
CA GLN B 179 9.25 -1.16 -29.16
C GLN B 179 9.53 -0.42 -27.86
N PRO B 180 10.24 0.72 -27.93
CA PRO B 180 10.70 1.51 -26.76
C PRO B 180 9.59 2.25 -26.06
N PHE B 181 8.52 1.54 -25.67
CA PHE B 181 7.46 2.15 -24.88
C PHE B 181 7.05 1.28 -23.70
N TYR B 182 6.34 1.92 -22.76
CA TYR B 182 5.78 1.28 -21.58
C TYR B 182 4.28 1.53 -21.60
N LEU B 183 3.54 0.54 -21.15
CA LEU B 183 2.11 0.56 -21.14
C LEU B 183 1.59 0.48 -19.70
N MET B 184 0.77 1.44 -19.31
CA MET B 184 0.15 1.41 -18.00
C MET B 184 -0.97 0.43 -18.13
N GLY B 185 -1.21 -0.32 -17.07
CA GLY B 185 -2.23 -1.33 -17.09
C GLY B 185 -2.43 -1.65 -15.65
N ARG B 186 -2.45 -2.95 -15.36
CA ARG B 186 -2.67 -3.44 -13.99
C ARG B 186 -1.64 -2.87 -13.05
N ASP B 187 -0.48 -2.54 -13.58
CA ASP B 187 0.60 -1.93 -12.81
C ASP B 187 0.17 -0.78 -11.87
N LYS B 188 -0.58 0.19 -12.40
CA LYS B 188 -0.85 1.43 -11.69
C LYS B 188 -1.36 1.23 -10.23
N ALA B 189 -2.20 0.23 -10.01
CA ALA B 189 -2.68 0.07 -8.63
C ALA B 189 -1.51 -0.36 -7.72
N LEU B 190 -0.74 -1.38 -8.11
CA LEU B 190 0.42 -1.80 -7.29
C LEU B 190 1.38 -0.63 -6.98
N ALA B 191 1.73 0.10 -8.05
CA ALA B 191 2.56 1.29 -7.94
C ALA B 191 2.01 2.36 -6.99
N VAL B 192 0.74 2.73 -7.13
CA VAL B 192 0.15 3.72 -6.24
C VAL B 192 0.21 3.24 -4.80
N GLU B 193 -0.32 2.03 -4.58
CA GLU B 193 -0.33 1.45 -3.26
C GLU B 193 1.07 1.27 -2.66
N GLN B 194 2.03 0.83 -3.45
CA GLN B 194 3.44 0.79 -2.98
C GLN B 194 4.03 2.20 -2.64
N PHE B 195 3.77 3.20 -3.46
CA PHE B 195 4.20 4.58 -3.12
C PHE B 195 3.66 5.07 -1.75
N ILE B 196 2.34 4.98 -1.60
CA ILE B 196 1.71 5.51 -0.44
C ILE B 196 2.42 4.89 0.76
N SER B 197 2.68 3.58 0.69
CA SER B 197 3.24 2.90 1.84
C SER B 197 4.68 3.33 2.07
N ARG B 198 5.50 3.39 1.01
CA ARG B 198 6.87 3.91 1.12
C ARG B 198 7.01 5.33 1.60
N PHE B 199 6.16 6.22 1.11
CA PHE B 199 6.16 7.62 1.49
C PHE B 199 5.86 7.72 2.99
N ASN B 200 4.76 7.10 3.43
CA ASN B 200 4.40 7.09 4.86
C ASN B 200 5.48 6.56 5.73
N SER B 201 6.27 5.62 5.23
CA SER B 201 7.33 5.20 6.14
C SER B 201 8.69 5.86 5.90
N GLY B 202 8.74 7.01 5.21
CA GLY B 202 10.01 7.71 5.13
C GLY B 202 10.89 7.24 3.97
N TYR B 203 10.38 6.41 3.07
CA TYR B 203 11.29 5.90 2.02
C TYR B 203 11.54 6.73 0.79
N ILE B 204 10.74 7.78 0.62
CA ILE B 204 10.74 8.64 -0.57
C ILE B 204 11.28 10.00 -0.19
N LYS B 205 12.39 10.42 -0.82
CA LYS B 205 13.04 11.64 -0.38
C LYS B 205 13.42 12.44 -1.60
N ALA B 206 13.51 13.76 -1.40
CA ALA B 206 13.93 14.70 -2.43
C ALA B 206 15.35 15.00 -2.10
N SER B 207 16.12 15.37 -3.12
CA SER B 207 17.47 15.84 -2.92
C SER B 207 17.43 17.38 -2.89
N GLN B 208 18.36 18.03 -2.18
CA GLN B 208 18.43 19.49 -2.18
C GLN B 208 18.65 20.20 -3.61
N GLU B 209 19.52 19.60 -4.40
CA GLU B 209 19.91 20.06 -5.74
C GLU B 209 19.00 19.49 -6.87
N LEU B 210 17.79 19.05 -6.52
CA LEU B 210 16.71 18.69 -7.41
C LEU B 210 16.59 19.62 -8.70
N VAL B 211 16.67 19.03 -9.88
CA VAL B 211 16.68 19.83 -11.14
C VAL B 211 15.27 20.00 -11.62
N SER B 212 14.86 21.21 -11.95
CA SER B 212 13.57 21.39 -12.57
C SER B 212 13.45 22.66 -13.35
N TYR B 213 13.62 22.63 -14.67
CA TYR B 213 13.65 23.86 -15.44
C TYR B 213 12.24 24.41 -15.67
N THR B 214 11.20 23.57 -15.59
CA THR B 214 9.87 24.06 -15.92
C THR B 214 9.11 24.43 -14.66
N ILE B 215 9.57 24.00 -13.46
CA ILE B 215 8.89 24.36 -12.24
C ILE B 215 9.61 25.41 -11.37
N LYS B 216 10.95 25.35 -11.26
CA LYS B 216 11.65 26.11 -10.21
C LYS B 216 11.45 27.59 -10.23
N LEU B 217 11.25 28.16 -11.42
CA LEU B 217 11.01 29.57 -11.49
C LEU B 217 9.66 30.08 -10.96
N SER B 218 8.69 29.19 -10.79
CA SER B 218 7.36 29.55 -10.28
C SER B 218 7.04 29.01 -8.88
N HIS B 219 7.63 27.88 -8.50
CA HIS B 219 7.38 27.25 -7.21
C HIS B 219 8.60 26.52 -6.79
N ASP B 220 8.80 26.39 -5.48
CA ASP B 220 9.59 25.20 -4.96
C ASP B 220 9.00 23.89 -5.52
N PRO B 221 9.76 23.08 -6.31
CA PRO B 221 9.18 21.88 -6.95
C PRO B 221 8.61 20.86 -6.00
N ILE B 222 9.27 20.70 -4.85
CA ILE B 222 8.75 19.84 -3.81
C ILE B 222 7.43 20.33 -3.18
N GLU B 223 7.27 21.63 -3.01
CA GLU B 223 5.94 22.20 -2.53
C GLU B 223 4.83 21.98 -3.57
N TYR B 224 5.17 22.15 -4.85
CA TYR B 224 4.29 21.84 -5.94
C TYR B 224 3.90 20.34 -5.96
N LEU B 225 4.89 19.46 -5.85
CA LEU B 225 4.71 18.03 -5.82
C LEU B 225 3.87 17.64 -4.55
N LEU B 226 4.12 18.25 -3.40
CA LEU B 226 3.26 18.03 -2.24
C LEU B 226 1.77 18.37 -2.46
N GLU B 227 1.49 19.45 -3.20
CA GLU B 227 0.10 19.77 -3.51
C GLU B 227 -0.60 18.60 -4.22
N GLN B 228 0.12 17.97 -5.13
CA GLN B 228 -0.37 16.77 -5.81
C GLN B 228 -0.49 15.53 -4.90
N ILE B 229 0.44 15.38 -3.97
CA ILE B 229 0.47 14.19 -3.11
C ILE B 229 -0.76 14.20 -2.26
N GLN B 230 -1.25 15.39 -1.91
CA GLN B 230 -2.48 15.55 -1.15
C GLN B 230 -3.70 15.11 -1.95
N ASN B 231 -3.60 15.16 -3.27
CA ASN B 231 -4.74 14.85 -4.13
C ASN B 231 -4.86 13.38 -4.48
N LEU B 232 -3.96 12.57 -3.92
CA LEU B 232 -3.84 11.16 -4.25
C LEU B 232 -4.96 10.27 -3.64
N HIS B 233 -5.59 9.44 -4.47
N HIS B 233 -5.58 9.44 -4.47
CA HIS B 233 -6.56 8.42 -4.01
CA HIS B 233 -6.53 8.40 -3.99
C HIS B 233 -6.09 7.05 -4.47
C HIS B 233 -6.30 7.08 -4.71
N ARG B 234 -6.83 5.99 -4.15
CA ARG B 234 -6.42 4.62 -4.50
C ARG B 234 -6.71 3.99 -5.87
N VAL B 235 -7.88 4.24 -6.45
CA VAL B 235 -8.30 3.65 -7.75
C VAL B 235 -9.07 2.35 -7.58
N ASN B 251 -12.92 16.42 -10.63
CA ASN B 251 -12.19 15.63 -11.62
C ASN B 251 -11.06 16.45 -12.24
N ARG B 252 -10.78 17.62 -11.66
CA ARG B 252 -9.83 18.56 -12.26
C ARG B 252 -8.82 19.06 -11.24
N ILE B 253 -8.16 18.10 -10.60
CA ILE B 253 -6.98 18.34 -9.81
C ILE B 253 -5.90 17.54 -10.53
N SER B 254 -4.97 18.24 -11.14
CA SER B 254 -3.95 17.60 -11.96
C SER B 254 -3.17 16.62 -11.13
N ASP B 255 -2.81 15.49 -11.73
CA ASP B 255 -2.07 14.44 -11.04
C ASP B 255 -0.86 13.94 -11.84
N ASP B 256 -0.47 14.71 -12.84
CA ASP B 256 0.53 14.22 -13.77
C ASP B 256 1.94 14.09 -13.23
N LEU B 257 2.42 15.04 -12.44
CA LEU B 257 3.78 14.90 -11.93
C LEU B 257 3.85 13.75 -10.87
N ILE B 258 2.86 13.68 -9.99
CA ILE B 258 2.92 12.66 -8.97
C ILE B 258 2.94 11.21 -9.53
N ILE B 259 2.09 10.90 -10.51
CA ILE B 259 2.13 9.58 -11.15
C ILE B 259 3.51 9.33 -11.72
N ALA B 260 4.12 10.36 -12.33
CA ALA B 260 5.45 10.13 -12.87
C ALA B 260 6.44 9.72 -11.78
N VAL B 261 6.35 10.32 -10.61
CA VAL B 261 7.23 9.91 -9.52
C VAL B 261 6.82 8.49 -9.06
N ILE B 262 5.54 8.24 -8.88
CA ILE B 262 5.10 6.92 -8.48
C ILE B 262 5.68 5.81 -9.42
N MET B 263 5.74 6.08 -10.72
CA MET B 263 6.12 5.08 -11.68
C MET B 263 7.63 4.96 -11.79
N ALA B 264 8.34 6.07 -11.80
CA ALA B 264 9.80 5.93 -11.78
C ALA B 264 10.21 5.12 -10.55
N THR B 265 9.63 5.39 -9.39
CA THR B 265 10.03 4.66 -8.17
C THR B 265 9.69 3.18 -8.29
N TYR B 266 8.50 2.87 -8.77
CA TYR B 266 8.06 1.53 -9.06
C TYR B 266 8.96 0.73 -10.04
N LEU B 267 9.39 1.34 -11.15
CA LEU B 267 10.18 0.55 -12.07
C LEU B 267 11.61 0.42 -11.60
N CYS B 268 11.99 1.10 -10.52
CA CYS B 268 13.23 0.75 -9.78
C CYS B 268 13.47 -0.76 -9.46
N ASP B 269 12.47 -1.54 -9.05
CA ASP B 269 12.78 -2.94 -8.65
C ASP B 269 13.25 -3.87 -9.78
N ASP B 270 13.91 -4.96 -9.40
CA ASP B 270 14.52 -5.94 -10.35
C ASP B 270 13.52 -6.80 -11.13
N ILE B 271 12.32 -6.87 -10.59
CA ILE B 271 11.14 -7.37 -11.30
C ILE B 271 10.95 -6.80 -12.72
N HIS B 272 11.48 -5.60 -12.99
CA HIS B 272 11.35 -4.96 -14.27
C HIS B 272 12.67 -4.88 -15.01
N ALA B 273 13.76 -5.30 -14.40
CA ALA B 273 15.10 -5.09 -14.90
C ALA B 273 15.43 -5.68 -16.29
N ILE B 274 14.90 -6.84 -16.66
CA ILE B 274 15.09 -7.32 -18.02
C ILE B 274 14.36 -6.54 -19.12
N ARG B 275 13.35 -5.72 -18.76
CA ARG B 275 12.54 -5.01 -19.77
C ARG B 275 13.33 -3.87 -20.42
N PHE B 276 14.35 -3.41 -19.72
CA PHE B 276 15.16 -2.31 -20.16
C PHE B 276 16.22 -2.81 -21.13
N ARG B 277 16.24 -2.23 -22.32
CA ARG B 277 17.13 -2.71 -23.32
C ARG B 277 17.65 -1.58 -24.18
N VAL B 278 18.85 -1.75 -24.71
CA VAL B 278 19.39 -0.75 -25.64
C VAL B 278 18.39 -0.36 -26.77
N SER B 279 18.01 0.92 -26.80
CA SER B 279 17.24 1.54 -27.90
C SER B 279 18.21 2.13 -28.92
N LEU C 34 -1.68 -2.07 6.30
CA LEU C 34 -3.11 -1.96 6.71
C LEU C 34 -4.03 -2.21 5.52
N ILE C 35 -4.87 -3.24 5.65
CA ILE C 35 -5.71 -3.62 4.54
C ILE C 35 -7.10 -3.02 4.65
N THR C 36 -7.68 -2.67 3.50
CA THR C 36 -9.04 -2.11 3.47
C THR C 36 -10.08 -3.16 3.80
N ASP C 37 -11.29 -2.70 4.13
CA ASP C 37 -12.37 -3.54 4.60
C ASP C 37 -13.17 -4.17 3.49
N GLN C 38 -13.26 -3.52 2.35
CA GLN C 38 -14.03 -4.09 1.23
C GLN C 38 -13.42 -5.38 0.69
N SER C 39 -12.11 -5.39 0.71
CA SER C 39 -11.31 -6.46 0.17
C SER C 39 -11.28 -7.71 1.08
N ARG C 40 -11.50 -7.49 2.37
CA ARG C 40 -11.64 -8.57 3.35
C ARG C 40 -12.91 -9.34 3.12
N GLU C 41 -13.99 -8.63 2.87
CA GLU C 41 -15.26 -9.28 2.71
C GLU C 41 -15.42 -9.98 1.34
N GLU C 42 -14.84 -9.41 0.29
CA GLU C 42 -15.02 -10.10 -0.95
C GLU C 42 -14.08 -11.29 -1.00
N PHE C 43 -12.92 -11.18 -0.34
CA PHE C 43 -11.98 -12.29 -0.32
C PHE C 43 -12.67 -13.46 0.38
N ASP C 44 -13.62 -13.14 1.25
CA ASP C 44 -14.34 -14.07 2.12
C ASP C 44 -15.54 -14.68 1.44
N ILE C 45 -16.27 -13.85 0.72
CA ILE C 45 -17.58 -14.24 0.20
C ILE C 45 -17.56 -14.53 -1.32
N LEU C 46 -16.44 -14.21 -1.97
CA LEU C 46 -16.35 -14.50 -3.42
C LEU C 46 -15.19 -15.36 -3.78
N ARG C 47 -15.44 -16.65 -3.96
CA ARG C 47 -14.37 -17.66 -4.17
C ARG C 47 -14.57 -18.38 -5.50
N TYR C 48 -13.47 -18.58 -6.24
CA TYR C 48 -13.49 -19.35 -7.47
C TYR C 48 -13.80 -20.81 -7.24
N SER C 49 -14.91 -21.20 -7.85
CA SER C 49 -15.38 -22.55 -7.77
C SER C 49 -14.95 -23.36 -9.03
N THR C 50 -13.69 -23.80 -9.09
CA THR C 50 -13.10 -24.35 -10.35
C THR C 50 -13.69 -25.68 -10.84
N LEU C 51 -14.24 -26.45 -9.91
CA LEU C 51 -15.01 -27.66 -10.20
C LEU C 51 -16.20 -27.39 -11.10
N ASN C 52 -16.66 -26.15 -11.11
CA ASN C 52 -17.81 -25.85 -11.96
C ASN C 52 -17.53 -25.85 -13.48
N THR C 53 -16.30 -25.54 -13.88
CA THR C 53 -15.94 -25.57 -15.31
C THR C 53 -15.14 -26.80 -15.66
N ASN C 54 -15.16 -27.18 -16.94
CA ASN C 54 -14.08 -27.90 -17.61
C ASN C 54 -13.44 -27.07 -18.74
N ALA C 55 -13.58 -25.75 -18.69
CA ALA C 55 -12.93 -24.83 -19.63
C ALA C 55 -11.77 -24.07 -18.97
N TYR C 56 -10.53 -24.52 -19.26
CA TYR C 56 -9.34 -24.14 -18.47
C TYR C 56 -8.35 -23.18 -19.12
N ASP C 57 -8.73 -22.62 -20.24
CA ASP C 57 -7.84 -21.76 -20.94
C ASP C 57 -7.22 -20.62 -20.12
N TYR C 58 -7.95 -20.00 -19.18
CA TYR C 58 -7.37 -18.88 -18.48
C TYR C 58 -6.65 -19.20 -17.11
N PHE C 59 -6.66 -20.46 -16.66
CA PHE C 59 -5.99 -20.90 -15.40
C PHE C 59 -4.49 -21.14 -15.61
N GLY C 60 -3.60 -20.70 -14.72
CA GLY C 60 -2.18 -20.99 -14.94
C GLY C 60 -1.99 -22.47 -14.63
N LYS C 61 -0.90 -23.07 -15.09
CA LYS C 61 -0.74 -24.53 -15.09
C LYS C 61 0.32 -24.94 -14.09
N THR C 62 1.03 -23.97 -13.51
CA THR C 62 2.01 -24.26 -12.47
C THR C 62 1.42 -24.07 -11.08
N LEU C 63 1.79 -24.92 -10.12
CA LEU C 63 1.38 -24.76 -8.72
C LEU C 63 2.64 -24.34 -7.99
N TYR C 64 2.57 -23.18 -7.34
CA TYR C 64 3.69 -22.69 -6.59
C TYR C 64 3.32 -22.97 -5.14
N VAL C 65 4.27 -23.54 -4.43
CA VAL C 65 4.02 -23.89 -3.04
C VAL C 65 5.13 -23.32 -2.19
N TYR C 66 4.82 -22.72 -1.05
CA TYR C 66 5.91 -22.31 -0.21
C TYR C 66 5.72 -22.94 1.15
N LEU C 67 6.77 -23.40 1.80
CA LEU C 67 6.55 -23.69 3.22
C LEU C 67 7.76 -23.34 4.00
N ASP C 68 7.61 -23.31 5.32
CA ASP C 68 8.68 -22.83 6.16
C ASP C 68 8.75 -23.64 7.40
N PRO C 69 9.51 -24.70 7.37
CA PRO C 69 9.53 -25.68 8.47
C PRO C 69 9.87 -25.13 9.86
N ALA C 70 9.25 -25.74 10.90
CA ALA C 70 9.33 -25.36 12.33
C ALA C 70 9.60 -26.59 13.20
N ALA C 77 7.68 -23.93 18.44
CA ALA C 77 6.64 -23.35 19.30
C ALA C 77 5.51 -22.70 18.51
N SER C 78 5.71 -22.47 17.20
CA SER C 78 4.74 -21.63 16.44
C SER C 78 4.04 -22.20 15.17
N GLY C 79 4.33 -23.45 14.79
CA GLY C 79 3.64 -24.05 13.62
C GLY C 79 4.32 -23.81 12.29
N THR C 80 4.04 -24.68 11.30
CA THR C 80 4.67 -24.62 9.97
C THR C 80 3.56 -24.21 9.01
N GLY C 81 3.74 -23.09 8.35
CA GLY C 81 2.76 -22.63 7.37
C GLY C 81 3.13 -23.12 5.95
N VAL C 82 2.10 -23.49 5.17
CA VAL C 82 2.27 -23.96 3.82
C VAL C 82 1.14 -23.36 3.00
N ALA C 83 1.42 -22.92 1.80
CA ALA C 83 0.36 -22.49 0.92
C ALA C 83 0.66 -22.88 -0.52
N ALA C 84 -0.38 -23.08 -1.30
CA ALA C 84 -0.23 -23.52 -2.64
C ALA C 84 -1.11 -22.60 -3.42
N VAL C 85 -0.51 -21.94 -4.43
CA VAL C 85 -1.18 -20.94 -5.22
C VAL C 85 -0.85 -21.07 -6.73
N GLY C 86 -1.73 -20.57 -7.57
CA GLY C 86 -1.35 -20.42 -9.00
C GLY C 86 -2.11 -19.25 -9.59
N ALA C 87 -1.91 -19.02 -10.86
CA ALA C 87 -2.52 -17.88 -11.54
C ALA C 87 -3.90 -18.19 -12.10
N TYR C 88 -4.79 -17.20 -12.10
CA TYR C 88 -5.96 -17.25 -12.96
C TYR C 88 -6.07 -15.82 -13.51
N ARG C 89 -6.09 -15.69 -14.86
CA ARG C 89 -6.03 -14.34 -15.51
C ARG C 89 -4.94 -13.54 -14.74
N HIS C 90 -5.21 -12.31 -14.35
CA HIS C 90 -4.10 -11.56 -13.61
C HIS C 90 -4.21 -11.75 -12.10
N GLN C 91 -4.94 -12.77 -11.63
CA GLN C 91 -5.19 -12.90 -10.19
C GLN C 91 -4.35 -14.05 -9.68
N PHE C 92 -4.23 -14.12 -8.38
CA PHE C 92 -3.52 -15.23 -7.84
C PHE C 92 -4.58 -16.01 -7.13
N LEU C 93 -4.58 -17.33 -7.37
CA LEU C 93 -5.53 -18.18 -6.63
C LEU C 93 -4.89 -19.08 -5.56
N ILE C 94 -5.52 -19.20 -4.36
CA ILE C 94 -5.08 -20.01 -3.29
C ILE C 94 -5.79 -21.38 -3.36
N TYR C 95 -5.01 -22.42 -3.59
CA TYR C 95 -5.58 -23.76 -3.70
C TYR C 95 -5.46 -24.60 -2.42
N GLY C 96 -4.50 -24.31 -1.60
CA GLY C 96 -4.29 -25.20 -0.44
C GLY C 96 -3.63 -24.34 0.63
N LEU C 97 -3.90 -24.65 1.88
CA LEU C 97 -3.30 -24.00 3.06
C LEU C 97 -3.12 -25.05 4.13
N GLU C 98 -1.95 -25.02 4.78
CA GLU C 98 -1.86 -25.82 5.96
C GLU C 98 -1.17 -25.01 7.00
N HIS C 99 -1.49 -25.29 8.28
CA HIS C 99 -0.82 -24.76 9.38
C HIS C 99 -0.61 -25.92 10.34
N PHE C 100 0.61 -26.44 10.39
CA PHE C 100 0.89 -27.73 10.97
C PHE C 100 1.66 -27.51 12.28
N PHE C 101 1.10 -28.00 13.37
CA PHE C 101 1.76 -28.07 14.68
C PHE C 101 2.21 -29.51 14.95
N LEU C 102 3.48 -29.69 15.32
CA LEU C 102 3.98 -31.01 15.68
C LEU C 102 3.32 -31.57 16.97
N ARG C 103 2.53 -32.64 16.83
CA ARG C 103 1.84 -33.17 18.01
C ARG C 103 2.62 -34.36 18.64
N ASP C 104 3.80 -34.63 18.06
CA ASP C 104 4.73 -35.72 18.48
C ASP C 104 6.19 -35.25 18.73
N LEU C 105 6.72 -35.58 19.90
CA LEU C 105 8.18 -35.54 20.13
C LEU C 105 8.72 -36.94 19.78
N SER C 106 7.94 -37.69 18.98
CA SER C 106 8.04 -39.14 18.90
C SER C 106 8.43 -39.64 17.51
N GLU C 107 7.65 -39.20 16.53
CA GLU C 107 7.85 -39.44 15.11
C GLU C 107 8.85 -38.37 14.65
N SER C 108 9.57 -38.59 13.54
CA SER C 108 10.40 -37.53 13.00
C SER C 108 9.56 -36.31 12.58
N SER C 109 10.10 -35.14 12.86
CA SER C 109 9.57 -33.87 12.46
C SER C 109 9.64 -33.57 10.99
N GLU C 110 10.77 -33.92 10.36
CA GLU C 110 10.94 -33.68 8.92
C GLU C 110 9.89 -34.45 8.11
N VAL C 111 9.64 -35.68 8.51
CA VAL C 111 8.77 -36.56 7.77
C VAL C 111 7.33 -36.02 7.92
N ALA C 112 6.92 -35.72 9.15
CA ALA C 112 5.63 -35.11 9.38
C ALA C 112 5.41 -33.80 8.61
N ILE C 113 6.35 -32.88 8.68
CA ILE C 113 6.19 -31.70 7.87
C ILE C 113 6.05 -32.07 6.40
N ALA C 114 6.94 -32.94 5.90
CA ALA C 114 6.98 -33.25 4.47
C ALA C 114 5.68 -33.88 4.04
N GLU C 115 5.15 -34.79 4.84
CA GLU C 115 3.93 -35.48 4.40
C GLU C 115 2.74 -34.56 4.43
N CYS C 116 2.75 -33.60 5.31
CA CYS C 116 1.57 -32.78 5.47
C CYS C 116 1.58 -31.92 4.17
N ALA C 117 2.72 -31.40 3.81
CA ALA C 117 2.85 -30.62 2.52
C ALA C 117 2.48 -31.45 1.30
N ALA C 118 2.94 -32.71 1.25
CA ALA C 118 2.76 -33.58 0.08
C ALA C 118 1.30 -34.01 -0.03
N HIS C 119 0.68 -34.35 1.09
CA HIS C 119 -0.74 -34.71 1.07
C HIS C 119 -1.64 -33.56 0.57
N MET C 120 -1.44 -32.32 1.03
CA MET C 120 -2.22 -31.18 0.47
C MET C 120 -1.95 -31.10 -1.03
N ILE C 121 -0.70 -31.13 -1.37
CA ILE C 121 -0.34 -30.95 -2.82
C ILE C 121 -1.00 -32.00 -3.71
N ILE C 122 -0.99 -33.26 -3.25
CA ILE C 122 -1.60 -34.36 -3.98
C ILE C 122 -3.12 -34.20 -4.12
N SER C 123 -3.81 -33.82 -3.04
CA SER C 123 -5.23 -33.51 -3.17
C SER C 123 -5.47 -32.29 -4.11
N VAL C 124 -4.65 -31.26 -4.06
CA VAL C 124 -4.81 -30.15 -5.02
C VAL C 124 -4.75 -30.59 -6.52
N LEU C 125 -3.73 -31.39 -6.84
CA LEU C 125 -3.55 -31.92 -8.21
C LEU C 125 -4.68 -32.88 -8.61
N SER C 126 -5.23 -33.69 -7.69
CA SER C 126 -6.38 -34.48 -8.14
C SER C 126 -7.60 -33.64 -8.42
N LEU C 127 -7.76 -32.48 -7.77
CA LEU C 127 -8.96 -31.70 -8.03
C LEU C 127 -8.78 -30.76 -9.23
N HIS C 128 -7.57 -30.63 -9.75
CA HIS C 128 -7.30 -29.65 -10.81
C HIS C 128 -6.38 -30.26 -11.87
N PRO C 129 -6.95 -30.96 -12.85
CA PRO C 129 -6.17 -31.79 -13.81
C PRO C 129 -5.46 -30.91 -14.87
N TYR C 130 -5.73 -29.60 -14.87
CA TYR C 130 -4.99 -28.67 -15.70
C TYR C 130 -3.61 -28.34 -15.13
N LEU C 131 -3.34 -28.60 -13.84
CA LEU C 131 -2.00 -28.31 -13.31
C LEU C 131 -0.98 -29.33 -13.79
N ASP C 132 0.12 -28.89 -14.38
CA ASP C 132 1.14 -29.81 -14.92
C ASP C 132 2.59 -29.65 -14.44
N GLU C 133 2.79 -28.84 -13.40
CA GLU C 133 4.14 -28.54 -12.94
C GLU C 133 4.01 -28.13 -11.51
N LEU C 134 5.05 -28.33 -10.69
CA LEU C 134 4.99 -27.99 -9.24
C LEU C 134 6.28 -27.25 -9.03
N ARG C 135 6.22 -26.06 -8.45
CA ARG C 135 7.41 -25.30 -8.20
C ARG C 135 7.34 -25.06 -6.69
N ILE C 136 8.37 -25.51 -5.98
CA ILE C 136 8.28 -25.59 -4.54
C ILE C 136 9.48 -24.90 -3.92
N ALA C 137 9.22 -24.16 -2.85
CA ALA C 137 10.23 -23.39 -2.13
C ALA C 137 10.16 -23.81 -0.68
N VAL C 138 11.28 -24.25 -0.12
CA VAL C 138 11.31 -24.68 1.25
C VAL C 138 12.25 -23.74 1.96
N GLU C 139 11.75 -23.03 2.97
CA GLU C 139 12.59 -22.02 3.57
C GLU C 139 13.55 -22.67 4.54
N GLY C 140 14.80 -22.27 4.49
CA GLY C 140 15.81 -22.88 5.35
C GLY C 140 16.58 -22.00 6.34
N ASN C 141 16.01 -20.85 6.71
CA ASN C 141 16.63 -19.88 7.62
C ASN C 141 17.38 -20.53 8.79
N THR C 142 16.66 -21.30 9.61
CA THR C 142 17.30 -21.83 10.83
C THR C 142 18.21 -23.06 10.63
N ASN C 143 17.70 -24.07 9.92
CA ASN C 143 18.48 -25.25 9.51
C ASN C 143 18.51 -25.36 7.98
N GLN C 144 19.69 -25.33 7.40
CA GLN C 144 19.86 -25.49 5.97
C GLN C 144 19.66 -26.97 5.61
N ALA C 145 20.36 -27.84 6.34
CA ALA C 145 20.36 -29.26 6.04
C ALA C 145 18.92 -29.80 6.04
N ALA C 146 18.17 -29.53 7.11
CA ALA C 146 16.80 -30.01 7.24
C ALA C 146 15.91 -29.54 6.13
N ALA C 147 16.11 -28.33 5.61
CA ALA C 147 15.14 -27.86 4.62
C ALA C 147 15.37 -28.70 3.35
N VAL C 148 16.60 -29.12 3.19
CA VAL C 148 17.04 -29.88 2.03
C VAL C 148 16.49 -31.29 2.13
N ARG C 149 16.58 -31.88 3.31
CA ARG C 149 16.03 -33.19 3.53
C ARG C 149 14.51 -33.13 3.31
N ILE C 150 13.84 -32.07 3.77
CA ILE C 150 12.36 -31.91 3.65
C ILE C 150 11.95 -31.91 2.19
N ALA C 151 12.69 -31.16 1.38
CA ALA C 151 12.42 -31.04 -0.03
C ALA C 151 12.52 -32.39 -0.73
N CYS C 152 13.55 -33.16 -0.37
CA CYS C 152 13.68 -34.47 -0.88
C CYS C 152 12.48 -35.39 -0.48
N LEU C 153 12.01 -35.28 0.77
CA LEU C 153 10.91 -36.16 1.17
C LEU C 153 9.60 -35.71 0.48
N ILE C 154 9.37 -34.43 0.34
CA ILE C 154 8.17 -33.99 -0.34
C ILE C 154 8.22 -34.53 -1.77
N ARG C 155 9.36 -34.38 -2.42
CA ARG C 155 9.42 -34.86 -3.80
C ARG C 155 9.14 -36.36 -3.91
N GLN C 156 9.82 -37.14 -3.11
CA GLN C 156 9.60 -38.54 -3.19
C GLN C 156 8.11 -38.88 -2.90
N SER C 157 7.47 -38.16 -1.98
CA SER C 157 6.12 -38.57 -1.57
C SER C 157 5.13 -38.09 -2.69
N VAL C 158 5.29 -36.90 -3.22
CA VAL C 158 4.50 -36.53 -4.43
C VAL C 158 4.61 -37.47 -5.71
N GLN C 159 5.80 -37.89 -6.00
CA GLN C 159 6.02 -38.65 -7.19
C GLN C 159 5.63 -40.12 -6.92
N SER C 160 5.68 -40.58 -5.66
CA SER C 160 5.04 -41.92 -5.39
C SER C 160 3.58 -41.94 -5.76
N SER C 161 2.88 -40.81 -5.69
CA SER C 161 1.43 -40.81 -5.92
C SER C 161 1.00 -40.41 -7.34
N THR C 162 1.80 -39.60 -7.99
CA THR C 162 1.29 -39.04 -9.22
C THR C 162 2.48 -38.68 -10.16
N LEU C 163 2.26 -38.74 -11.47
CA LEU C 163 3.25 -38.35 -12.43
C LEU C 163 3.11 -36.82 -12.72
N ILE C 164 4.07 -36.03 -12.26
CA ILE C 164 4.05 -34.62 -12.58
C ILE C 164 5.49 -34.06 -12.49
N ARG C 165 5.84 -33.04 -13.25
CA ARG C 165 7.18 -32.41 -13.18
C ARG C 165 7.29 -31.54 -11.88
N VAL C 166 8.40 -31.70 -11.15
CA VAL C 166 8.62 -31.06 -9.82
C VAL C 166 9.97 -30.32 -9.84
N LEU C 167 9.94 -29.00 -9.61
CA LEU C 167 11.08 -28.17 -9.38
C LEU C 167 11.04 -27.52 -7.99
N PHE C 168 12.24 -27.37 -7.39
CA PHE C 168 12.49 -26.71 -6.11
C PHE C 168 13.42 -25.51 -6.24
N TYR C 169 13.21 -24.48 -5.40
CA TYR C 169 14.07 -23.27 -5.37
C TYR C 169 15.48 -23.71 -4.96
N HIS C 170 16.49 -23.27 -5.68
CA HIS C 170 17.86 -23.62 -5.33
C HIS C 170 18.65 -22.35 -5.01
N THR C 171 19.60 -22.46 -4.09
CA THR C 171 20.43 -21.36 -3.63
C THR C 171 21.85 -21.89 -3.42
N PRO C 172 22.90 -21.09 -3.80
CA PRO C 172 24.28 -21.44 -3.50
C PRO C 172 24.48 -21.88 -2.04
N ASP C 173 25.09 -23.05 -1.91
CA ASP C 173 25.37 -23.78 -0.66
C ASP C 173 25.99 -22.93 0.45
N GLN C 174 27.30 -22.73 0.27
CA GLN C 174 28.21 -22.18 1.24
C GLN C 174 29.40 -22.08 0.34
N ASN C 175 29.32 -22.84 -0.75
CA ASN C 175 30.40 -23.05 -1.65
C ASN C 175 30.18 -22.35 -3.01
N HIS C 176 29.06 -22.69 -3.66
CA HIS C 176 28.70 -22.37 -5.06
C HIS C 176 27.53 -23.32 -5.40
N ILE C 177 27.58 -24.56 -4.89
CA ILE C 177 26.69 -25.63 -5.33
C ILE C 177 25.21 -25.39 -5.00
N GLU C 178 24.39 -25.32 -6.04
CA GLU C 178 22.95 -25.10 -5.92
C GLU C 178 22.29 -26.18 -5.06
N GLN C 179 21.54 -25.75 -4.03
CA GLN C 179 20.82 -26.65 -3.11
C GLN C 179 19.35 -26.22 -2.94
N PRO C 180 18.46 -27.21 -2.72
CA PRO C 180 17.00 -26.92 -2.71
C PRO C 180 16.43 -26.41 -1.38
N PHE C 181 16.94 -25.29 -0.91
CA PHE C 181 16.32 -24.51 0.16
C PHE C 181 16.23 -23.06 -0.29
N TYR C 182 15.30 -22.28 0.30
CA TYR C 182 15.20 -20.81 0.06
C TYR C 182 15.44 -19.96 1.31
N LEU C 183 16.14 -18.82 1.20
CA LEU C 183 16.20 -17.83 2.29
C LEU C 183 15.30 -16.63 1.95
N MET C 184 14.18 -16.52 2.65
CA MET C 184 13.19 -15.44 2.41
C MET C 184 13.64 -14.07 2.90
N GLY C 185 14.67 -14.09 3.76
CA GLY C 185 15.55 -12.92 4.03
C GLY C 185 15.22 -11.53 3.51
N ARG C 186 15.83 -11.14 2.39
CA ARG C 186 15.71 -9.75 1.93
C ARG C 186 14.52 -9.53 0.99
N ASP C 187 13.91 -10.63 0.60
CA ASP C 187 12.74 -10.59 -0.25
C ASP C 187 11.51 -10.18 0.59
N LYS C 188 11.63 -10.25 1.91
CA LYS C 188 10.42 -10.31 2.76
C LYS C 188 9.55 -9.01 2.80
N ALA C 189 10.20 -7.87 3.05
CA ALA C 189 9.56 -6.56 3.05
C ALA C 189 9.04 -6.15 1.66
N LEU C 190 9.81 -6.50 0.63
CA LEU C 190 9.38 -6.37 -0.75
C LEU C 190 8.12 -7.28 -1.00
N ALA C 191 8.19 -8.56 -0.65
CA ALA C 191 6.99 -9.46 -0.67
C ALA C 191 5.80 -8.97 0.15
N VAL C 192 6.05 -8.59 1.39
CA VAL C 192 4.93 -8.18 2.21
C VAL C 192 4.22 -6.99 1.54
N GLU C 193 5.00 -6.02 1.04
CA GLU C 193 4.39 -4.87 0.39
C GLU C 193 3.63 -5.23 -0.89
N GLN C 194 4.27 -5.97 -1.78
CA GLN C 194 3.60 -6.45 -2.97
C GLN C 194 2.28 -7.18 -2.63
N PHE C 195 2.30 -8.07 -1.64
CA PHE C 195 1.07 -8.68 -1.25
C PHE C 195 -0.08 -7.70 -0.87
N ILE C 196 0.19 -6.76 0.06
CA ILE C 196 -0.88 -5.94 0.54
C ILE C 196 -1.44 -5.14 -0.62
N SER C 197 -0.54 -4.66 -1.47
CA SER C 197 -0.98 -3.86 -2.59
C SER C 197 -1.94 -4.69 -3.42
N ARG C 198 -1.50 -5.90 -3.75
CA ARG C 198 -2.36 -6.87 -4.46
C ARG C 198 -3.69 -7.23 -3.78
N PHE C 199 -3.67 -7.47 -2.46
CA PHE C 199 -4.86 -7.78 -1.72
C PHE C 199 -5.83 -6.60 -1.78
N ASN C 200 -5.40 -5.39 -1.45
CA ASN C 200 -6.33 -4.31 -1.52
C ASN C 200 -6.80 -4.03 -2.95
N SER C 201 -6.03 -4.51 -3.96
CA SER C 201 -6.46 -4.31 -5.33
C SER C 201 -7.36 -5.41 -5.90
N GLY C 202 -7.61 -6.46 -5.11
CA GLY C 202 -8.42 -7.59 -5.55
C GLY C 202 -7.66 -8.59 -6.42
N TYR C 203 -6.33 -8.56 -6.35
CA TYR C 203 -5.54 -9.56 -7.14
C TYR C 203 -5.53 -10.96 -6.46
N ILE C 204 -6.02 -11.07 -5.22
CA ILE C 204 -5.91 -12.35 -4.45
C ILE C 204 -7.28 -13.01 -4.23
N LYS C 205 -7.45 -14.24 -4.65
CA LYS C 205 -8.72 -14.93 -4.49
C LYS C 205 -8.53 -16.29 -3.80
N ALA C 206 -9.56 -16.80 -3.15
CA ALA C 206 -9.57 -18.19 -2.63
C ALA C 206 -10.39 -19.03 -3.56
N SER C 207 -10.08 -20.31 -3.53
CA SER C 207 -10.76 -21.30 -4.29
C SER C 207 -11.74 -21.90 -3.33
N GLN C 208 -12.91 -22.27 -3.84
CA GLN C 208 -13.92 -22.89 -2.98
C GLN C 208 -13.59 -24.37 -2.59
N GLU C 209 -12.79 -25.04 -3.42
CA GLU C 209 -12.33 -26.42 -3.29
C GLU C 209 -11.07 -26.47 -2.45
N LEU C 210 -10.63 -25.34 -1.93
CA LEU C 210 -9.38 -25.25 -1.11
C LEU C 210 -9.12 -26.46 -0.22
N VAL C 211 -7.91 -26.99 -0.32
CA VAL C 211 -7.53 -28.15 0.43
C VAL C 211 -6.89 -27.70 1.76
N SER C 212 -7.41 -28.17 2.87
CA SER C 212 -6.64 -28.00 4.07
C SER C 212 -7.00 -29.09 5.06
N TYR C 213 -6.18 -30.10 5.25
CA TYR C 213 -6.39 -31.17 6.23
C TYR C 213 -6.14 -30.66 7.64
N THR C 214 -5.36 -29.61 7.80
CA THR C 214 -4.85 -29.28 9.13
C THR C 214 -5.78 -28.20 9.71
N ILE C 215 -6.58 -27.52 8.91
CA ILE C 215 -7.31 -26.45 9.51
C ILE C 215 -8.80 -26.70 9.49
N LYS C 216 -9.23 -27.43 8.46
CA LYS C 216 -10.60 -27.48 7.98
C LYS C 216 -11.44 -28.24 8.97
N LEU C 217 -10.89 -29.20 9.73
CA LEU C 217 -11.67 -29.84 10.80
C LEU C 217 -11.94 -28.93 12.03
N SER C 218 -11.29 -27.76 12.10
CA SER C 218 -11.55 -26.79 13.22
C SER C 218 -12.11 -25.44 12.76
N HIS C 219 -11.66 -24.91 11.62
CA HIS C 219 -12.23 -23.67 11.10
C HIS C 219 -12.45 -23.69 9.62
N ASP C 220 -13.28 -22.77 9.11
CA ASP C 220 -13.19 -22.44 7.69
C ASP C 220 -11.77 -21.89 7.49
N PRO C 221 -10.94 -22.48 6.60
CA PRO C 221 -9.58 -21.93 6.43
C PRO C 221 -9.47 -20.48 5.95
N ILE C 222 -10.45 -19.99 5.20
CA ILE C 222 -10.36 -18.58 4.81
C ILE C 222 -10.74 -17.62 5.95
N GLU C 223 -11.62 -18.08 6.82
CA GLU C 223 -11.89 -17.36 8.02
C GLU C 223 -10.57 -17.25 8.86
N TYR C 224 -9.93 -18.37 9.13
CA TYR C 224 -8.70 -18.40 9.89
C TYR C 224 -7.62 -17.52 9.21
N LEU C 225 -7.51 -17.63 7.90
CA LEU C 225 -6.59 -16.80 7.20
C LEU C 225 -6.89 -15.31 7.31
N LEU C 226 -8.16 -14.95 7.30
CA LEU C 226 -8.51 -13.53 7.41
C LEU C 226 -8.14 -12.98 8.79
N GLU C 227 -7.98 -13.86 9.75
CA GLU C 227 -7.71 -13.44 11.14
C GLU C 227 -6.22 -13.11 11.13
N GLN C 228 -5.43 -13.92 10.46
CA GLN C 228 -4.02 -13.52 10.25
C GLN C 228 -3.76 -12.27 9.43
N ILE C 229 -4.56 -12.04 8.40
CA ILE C 229 -4.42 -10.87 7.52
C ILE C 229 -4.67 -9.59 8.33
N GLN C 230 -5.73 -9.58 9.16
CA GLN C 230 -5.98 -8.44 10.00
C GLN C 230 -4.95 -8.24 11.13
N ASN C 231 -3.96 -9.11 11.27
CA ASN C 231 -2.87 -8.85 12.23
C ASN C 231 -1.51 -8.43 11.67
N LEU C 232 -1.39 -8.29 10.34
CA LEU C 232 -0.15 -7.77 9.74
C LEU C 232 0.17 -6.37 10.25
N SER C 254 0.21 -14.76 15.62
CA SER C 254 0.81 -15.67 14.63
C SER C 254 0.63 -15.15 13.21
N ASP C 255 1.69 -15.19 12.43
CA ASP C 255 1.63 -14.86 11.02
C ASP C 255 2.23 -15.94 10.06
N ASP C 256 2.33 -17.18 10.52
CA ASP C 256 2.97 -18.20 9.69
C ASP C 256 2.22 -18.49 8.42
N LEU C 257 0.91 -18.48 8.50
CA LEU C 257 0.10 -18.87 7.42
C LEU C 257 0.06 -17.77 6.38
N ILE C 258 -0.15 -16.53 6.79
CA ILE C 258 -0.18 -15.44 5.81
C ILE C 258 1.19 -15.21 5.23
N ILE C 259 2.26 -15.37 5.98
CA ILE C 259 3.62 -15.23 5.39
C ILE C 259 3.87 -16.27 4.35
N ALA C 260 3.36 -17.53 4.56
CA ALA C 260 3.48 -18.54 3.50
C ALA C 260 2.70 -18.13 2.27
N VAL C 261 1.47 -17.66 2.39
CA VAL C 261 0.77 -17.22 1.19
C VAL C 261 1.57 -16.00 0.58
N ILE C 262 2.12 -15.16 1.44
CA ILE C 262 2.80 -14.01 0.87
C ILE C 262 3.96 -14.51 0.07
N MET C 263 4.72 -15.45 0.59
CA MET C 263 5.90 -15.83 -0.11
C MET C 263 5.67 -16.65 -1.34
N ALA C 264 4.62 -17.48 -1.30
CA ALA C 264 4.22 -18.28 -2.46
C ALA C 264 3.77 -17.39 -3.58
N THR C 265 3.00 -16.37 -3.26
CA THR C 265 2.59 -15.38 -4.27
C THR C 265 3.73 -14.58 -4.93
N TYR C 266 4.59 -13.95 -4.14
CA TYR C 266 5.81 -13.32 -4.67
C TYR C 266 6.69 -14.22 -5.55
N LEU C 267 6.79 -15.50 -5.18
CA LEU C 267 7.61 -16.48 -5.87
C LEU C 267 7.03 -16.96 -7.22
N CYS C 268 5.78 -16.61 -7.52
CA CYS C 268 5.26 -16.81 -8.87
C CYS C 268 6.04 -15.98 -9.91
N ASP C 269 6.59 -14.82 -9.55
CA ASP C 269 7.23 -14.04 -10.58
C ASP C 269 8.38 -14.73 -11.35
N ASP C 270 8.23 -14.62 -12.66
CA ASP C 270 9.25 -14.85 -13.65
C ASP C 270 10.70 -14.50 -13.33
N ILE C 271 10.94 -13.44 -12.58
CA ILE C 271 12.31 -13.10 -12.23
C ILE C 271 13.01 -14.22 -11.41
N HIS C 272 12.19 -15.04 -10.71
CA HIS C 272 12.67 -16.19 -9.96
C HIS C 272 12.64 -17.50 -10.72
N ALA C 273 12.04 -17.50 -11.92
CA ALA C 273 11.70 -18.72 -12.60
C ALA C 273 12.93 -19.59 -12.78
N ILE C 274 14.05 -18.97 -13.05
CA ILE C 274 15.31 -19.65 -13.27
C ILE C 274 15.94 -20.25 -12.01
N ARG C 275 15.57 -19.81 -10.81
CA ARG C 275 16.04 -20.44 -9.56
C ARG C 275 15.39 -21.84 -9.30
N PHE C 276 14.33 -22.17 -10.03
CA PHE C 276 13.66 -23.47 -9.90
C PHE C 276 14.24 -24.51 -10.81
N ARG C 277 14.76 -25.58 -10.22
CA ARG C 277 15.34 -26.65 -11.04
C ARG C 277 14.97 -28.01 -10.49
N VAL C 278 15.00 -29.00 -11.37
CA VAL C 278 14.64 -30.37 -11.01
C VAL C 278 15.61 -30.86 -9.91
N LEU D 34 -27.07 -9.01 -26.71
CA LEU D 34 -26.00 -10.07 -26.76
C LEU D 34 -25.12 -10.23 -25.47
N ILE D 35 -25.05 -11.45 -24.95
CA ILE D 35 -24.32 -11.78 -23.72
C ILE D 35 -22.97 -12.42 -24.02
N THR D 36 -21.97 -12.13 -23.18
CA THR D 36 -20.54 -12.35 -23.51
C THR D 36 -20.07 -13.72 -23.07
N ASP D 37 -19.00 -14.25 -23.68
CA ASP D 37 -18.37 -15.48 -23.19
C ASP D 37 -17.77 -15.30 -21.82
N GLN D 38 -16.84 -14.34 -21.68
CA GLN D 38 -16.20 -14.14 -20.35
C GLN D 38 -17.17 -13.81 -19.27
N SER D 39 -18.31 -13.18 -19.60
CA SER D 39 -19.39 -12.98 -18.60
C SER D 39 -20.05 -14.27 -18.18
N ARG D 40 -20.35 -15.15 -19.13
CA ARG D 40 -20.94 -16.44 -18.85
C ARG D 40 -19.95 -17.36 -18.11
N GLU D 41 -18.65 -17.27 -18.40
CA GLU D 41 -17.62 -18.08 -17.68
C GLU D 41 -17.59 -17.66 -16.20
N GLU D 42 -17.41 -16.37 -15.98
CA GLU D 42 -17.24 -15.76 -14.67
C GLU D 42 -18.48 -15.99 -13.77
N PHE D 43 -19.67 -15.83 -14.33
CA PHE D 43 -20.93 -16.28 -13.75
C PHE D 43 -20.85 -17.69 -13.25
N ASP D 44 -20.39 -18.61 -14.11
CA ASP D 44 -20.38 -20.04 -13.81
C ASP D 44 -19.52 -20.33 -12.56
N ILE D 45 -18.36 -19.68 -12.49
CA ILE D 45 -17.28 -20.03 -11.56
C ILE D 45 -17.22 -19.18 -10.27
N LEU D 46 -17.99 -18.10 -10.19
CA LEU D 46 -17.80 -17.13 -9.16
C LEU D 46 -19.09 -16.80 -8.60
N ARG D 47 -19.40 -17.45 -7.50
CA ARG D 47 -20.66 -17.31 -6.78
C ARG D 47 -20.44 -16.80 -5.34
N TYR D 48 -21.44 -16.08 -4.82
CA TYR D 48 -21.36 -15.53 -3.47
C TYR D 48 -21.51 -16.59 -2.44
N SER D 49 -20.68 -16.48 -1.42
CA SER D 49 -20.67 -17.37 -0.28
C SER D 49 -21.41 -16.66 0.85
N THR D 50 -22.60 -17.15 1.17
CA THR D 50 -23.55 -16.36 1.94
C THR D 50 -23.52 -16.80 3.41
N LEU D 51 -22.84 -17.88 3.73
CA LEU D 51 -22.82 -18.28 5.13
C LEU D 51 -21.42 -18.08 5.75
N ASN D 52 -20.53 -17.40 5.03
CA ASN D 52 -19.15 -17.16 5.45
C ASN D 52 -18.95 -15.84 6.18
N THR D 53 -19.66 -14.80 5.73
CA THR D 53 -19.78 -13.53 6.45
C THR D 53 -20.65 -13.64 7.69
N ASN D 54 -20.27 -12.87 8.70
CA ASN D 54 -21.12 -12.65 9.85
C ASN D 54 -21.60 -11.19 9.84
N ALA D 55 -21.04 -10.40 8.93
CA ALA D 55 -21.19 -8.95 8.95
C ALA D 55 -21.99 -8.47 7.73
N TYR D 56 -23.14 -7.87 8.03
CA TYR D 56 -24.22 -7.80 7.07
C TYR D 56 -24.59 -6.42 6.56
N ASP D 57 -23.77 -5.42 6.89
CA ASP D 57 -24.13 -4.00 6.69
C ASP D 57 -24.35 -3.60 5.24
N TYR D 58 -23.54 -4.15 4.35
CA TYR D 58 -23.56 -3.75 2.93
C TYR D 58 -24.50 -4.63 2.09
N PHE D 59 -25.23 -5.52 2.77
CA PHE D 59 -26.17 -6.40 2.07
C PHE D 59 -27.50 -5.77 2.00
N GLY D 60 -28.24 -6.17 0.98
CA GLY D 60 -29.66 -5.87 0.93
C GLY D 60 -30.30 -6.74 2.00
N LYS D 61 -31.32 -6.18 2.65
CA LYS D 61 -32.15 -6.93 3.58
C LYS D 61 -33.49 -7.27 2.98
N THR D 62 -33.73 -6.78 1.75
CA THR D 62 -34.96 -7.08 1.06
C THR D 62 -34.72 -8.18 0.02
N LEU D 63 -35.63 -9.16 0.07
CA LEU D 63 -35.76 -10.15 -0.97
C LEU D 63 -36.82 -9.72 -1.94
N TYR D 64 -36.43 -9.56 -3.21
CA TYR D 64 -37.28 -9.31 -4.33
C TYR D 64 -37.58 -10.61 -5.05
N VAL D 65 -38.86 -10.87 -5.22
CA VAL D 65 -39.29 -12.06 -5.92
C VAL D 65 -40.22 -11.73 -7.09
N TYR D 66 -39.99 -12.30 -8.27
CA TYR D 66 -40.96 -12.17 -9.37
C TYR D 66 -41.41 -13.55 -9.76
N LEU D 67 -42.71 -13.74 -9.88
CA LEU D 67 -43.19 -14.93 -10.55
C LEU D 67 -44.18 -14.57 -11.63
N ASP D 68 -44.12 -15.36 -12.69
CA ASP D 68 -45.10 -15.28 -13.77
C ASP D 68 -45.90 -16.59 -13.85
N PRO D 69 -47.13 -16.57 -13.34
CA PRO D 69 -47.88 -17.81 -13.27
C PRO D 69 -48.37 -18.18 -14.66
N ALA D 70 -48.09 -19.41 -15.08
CA ALA D 70 -48.37 -19.82 -16.46
C ALA D 70 -49.72 -20.54 -16.55
N THR D 80 -43.95 -21.60 -15.86
CA THR D 80 -44.07 -20.74 -14.67
C THR D 80 -42.75 -20.55 -13.85
N GLY D 81 -42.15 -19.37 -14.01
CA GLY D 81 -40.83 -19.10 -13.45
C GLY D 81 -40.94 -18.30 -12.17
N VAL D 82 -39.94 -18.45 -11.31
CA VAL D 82 -39.87 -17.68 -10.09
C VAL D 82 -38.40 -17.39 -9.89
N ALA D 83 -38.06 -16.16 -9.52
CA ALA D 83 -36.69 -15.84 -9.14
C ALA D 83 -36.64 -14.96 -7.89
N ALA D 84 -35.69 -15.25 -7.01
CA ALA D 84 -35.59 -14.46 -5.82
C ALA D 84 -34.25 -13.81 -5.81
N VAL D 85 -34.24 -12.53 -5.53
CA VAL D 85 -33.04 -11.79 -5.74
C VAL D 85 -32.83 -10.81 -4.58
N GLY D 86 -31.61 -10.33 -4.39
CA GLY D 86 -31.32 -9.36 -3.29
C GLY D 86 -30.09 -8.59 -3.71
N ALA D 87 -29.68 -7.59 -2.94
CA ALA D 87 -28.57 -6.75 -3.36
C ALA D 87 -27.29 -7.05 -2.57
N TYR D 88 -26.11 -6.93 -3.18
CA TYR D 88 -24.88 -6.78 -2.40
C TYR D 88 -24.08 -5.57 -2.88
N ARG D 89 -24.05 -4.51 -2.06
CA ARG D 89 -23.41 -3.25 -2.44
C ARG D 89 -24.11 -2.78 -3.74
N HIS D 90 -23.38 -2.39 -4.77
CA HIS D 90 -24.07 -2.02 -6.03
C HIS D 90 -24.25 -3.19 -7.01
N GLN D 91 -24.19 -4.42 -6.52
CA GLN D 91 -24.42 -5.58 -7.38
C GLN D 91 -25.61 -6.41 -6.91
N PHE D 92 -25.84 -7.53 -7.59
CA PHE D 92 -27.04 -8.32 -7.42
C PHE D 92 -26.71 -9.79 -7.34
N LEU D 93 -27.49 -10.50 -6.55
CA LEU D 93 -27.23 -11.91 -6.33
C LEU D 93 -28.50 -12.69 -6.33
N ILE D 94 -28.42 -13.90 -6.89
CA ILE D 94 -29.60 -14.72 -7.06
C ILE D 94 -29.55 -15.72 -5.92
N TYR D 95 -30.61 -15.68 -5.10
CA TYR D 95 -30.85 -16.57 -3.95
C TYR D 95 -31.71 -17.78 -4.28
N GLY D 96 -32.61 -17.65 -5.26
CA GLY D 96 -33.50 -18.77 -5.62
C GLY D 96 -34.03 -18.70 -7.04
N LEU D 97 -34.55 -19.83 -7.52
CA LEU D 97 -35.14 -20.02 -8.85
C LEU D 97 -36.03 -21.24 -8.85
N GLU D 98 -37.23 -21.12 -9.38
CA GLU D 98 -38.00 -22.33 -9.62
C GLU D 98 -38.61 -22.27 -11.01
N HIS D 99 -38.81 -23.44 -11.61
CA HIS D 99 -39.52 -23.59 -12.87
C HIS D 99 -40.53 -24.73 -12.67
N PHE D 100 -41.81 -24.37 -12.63
CA PHE D 100 -42.84 -25.27 -12.12
C PHE D 100 -43.81 -25.47 -13.25
N PHE D 101 -44.54 -26.60 -13.24
CA PHE D 101 -45.36 -27.04 -14.40
C PHE D 101 -46.78 -27.53 -14.04
N GLU D 107 -58.89 -25.60 -9.21
CA GLU D 107 -57.72 -24.77 -9.49
C GLU D 107 -56.50 -25.05 -8.60
N SER D 108 -56.27 -26.33 -8.29
CA SER D 108 -55.09 -26.78 -7.54
C SER D 108 -53.83 -25.98 -7.91
N SER D 109 -53.70 -25.68 -9.21
CA SER D 109 -52.54 -24.96 -9.72
C SER D 109 -52.24 -23.67 -8.96
N GLU D 110 -53.25 -22.81 -8.81
CA GLU D 110 -53.11 -21.58 -8.01
C GLU D 110 -52.43 -21.84 -6.66
N VAL D 111 -52.93 -22.83 -5.90
CA VAL D 111 -52.27 -23.26 -4.66
C VAL D 111 -50.85 -23.80 -4.92
N ALA D 112 -50.72 -24.70 -5.89
CA ALA D 112 -49.46 -25.37 -6.13
C ALA D 112 -48.31 -24.43 -6.48
N ILE D 113 -48.58 -23.39 -7.28
CA ILE D 113 -47.57 -22.38 -7.57
C ILE D 113 -47.34 -21.46 -6.38
N ALA D 114 -48.40 -21.07 -5.67
CA ALA D 114 -48.23 -20.29 -4.47
C ALA D 114 -47.26 -21.03 -3.54
N GLU D 115 -47.54 -22.31 -3.32
CA GLU D 115 -46.82 -23.14 -2.34
C GLU D 115 -45.38 -23.45 -2.73
N CYS D 116 -45.13 -23.59 -4.03
CA CYS D 116 -43.78 -23.80 -4.56
C CYS D 116 -42.92 -22.57 -4.40
N ALA D 117 -43.53 -21.40 -4.62
CA ALA D 117 -42.92 -20.10 -4.40
C ALA D 117 -42.67 -19.78 -2.91
N ALA D 118 -43.66 -20.05 -2.05
CA ALA D 118 -43.52 -19.82 -0.59
C ALA D 118 -42.38 -20.64 0.00
N HIS D 119 -42.37 -21.90 -0.38
CA HIS D 119 -41.32 -22.83 -0.07
C HIS D 119 -39.91 -22.24 -0.32
N MET D 120 -39.64 -21.78 -1.57
CA MET D 120 -38.31 -21.28 -1.96
C MET D 120 -37.98 -20.08 -1.06
N ILE D 121 -38.99 -19.24 -0.90
CA ILE D 121 -38.89 -18.06 -0.06
C ILE D 121 -38.54 -18.42 1.39
N ILE D 122 -39.30 -19.32 1.96
CA ILE D 122 -39.10 -19.67 3.35
C ILE D 122 -37.65 -20.17 3.60
N SER D 123 -37.17 -21.03 2.70
CA SER D 123 -35.82 -21.57 2.80
C SER D 123 -34.69 -20.53 2.55
N VAL D 124 -34.88 -19.65 1.58
CA VAL D 124 -33.98 -18.53 1.41
C VAL D 124 -33.94 -17.70 2.72
N LEU D 125 -35.09 -17.39 3.31
CA LEU D 125 -35.10 -16.60 4.58
C LEU D 125 -34.34 -17.36 5.65
N SER D 126 -34.46 -18.65 5.62
CA SER D 126 -33.92 -19.48 6.70
C SER D 126 -32.38 -19.47 6.64
N LEU D 127 -31.81 -19.51 5.43
CA LEU D 127 -30.34 -19.50 5.28
C LEU D 127 -29.70 -18.11 5.39
N HIS D 128 -30.48 -17.04 5.17
CA HIS D 128 -29.96 -15.67 5.16
C HIS D 128 -30.64 -14.83 6.26
N PRO D 129 -30.31 -15.03 7.56
CA PRO D 129 -31.26 -14.33 8.43
C PRO D 129 -31.19 -12.81 8.40
N TYR D 130 -30.23 -12.23 7.66
CA TYR D 130 -30.16 -10.76 7.58
C TYR D 130 -31.30 -10.23 6.74
N LEU D 131 -31.89 -11.07 5.89
CA LEU D 131 -33.04 -10.62 5.11
C LEU D 131 -34.19 -10.40 6.07
N ASP D 132 -34.89 -9.27 5.95
CA ASP D 132 -36.09 -9.00 6.77
C ASP D 132 -37.23 -8.24 6.05
N GLU D 133 -37.26 -8.27 4.74
CA GLU D 133 -38.44 -7.74 4.06
C GLU D 133 -38.55 -8.47 2.72
N LEU D 134 -39.78 -8.68 2.28
CA LEU D 134 -40.09 -9.47 1.12
C LEU D 134 -40.87 -8.58 0.20
N ARG D 135 -40.35 -8.32 -1.00
CA ARG D 135 -41.13 -7.57 -2.01
C ARG D 135 -41.45 -8.42 -3.24
N ILE D 136 -42.74 -8.62 -3.45
CA ILE D 136 -43.16 -9.60 -4.42
C ILE D 136 -43.93 -9.01 -5.56
N ALA D 137 -43.56 -9.39 -6.80
CA ALA D 137 -44.41 -9.05 -7.90
C ALA D 137 -45.01 -10.29 -8.53
N VAL D 138 -46.31 -10.28 -8.78
CA VAL D 138 -46.96 -11.40 -9.41
C VAL D 138 -47.46 -10.94 -10.75
N GLU D 139 -47.03 -11.60 -11.83
CA GLU D 139 -47.38 -11.18 -13.20
C GLU D 139 -48.85 -11.40 -13.51
N GLY D 140 -49.55 -10.44 -14.10
CA GLY D 140 -51.01 -10.57 -14.32
C GLY D 140 -51.57 -10.30 -15.72
N ASN D 141 -50.75 -10.54 -16.74
N ASN D 141 -50.73 -10.52 -16.74
CA ASN D 141 -51.11 -10.32 -18.15
CA ASN D 141 -51.11 -10.35 -18.15
C ASN D 141 -52.38 -11.06 -18.60
C ASN D 141 -52.40 -11.06 -18.54
N THR D 142 -52.38 -12.39 -18.49
CA THR D 142 -53.56 -13.19 -18.85
C THR D 142 -54.51 -13.16 -17.64
N ASN D 143 -54.04 -13.73 -16.52
CA ASN D 143 -54.95 -14.05 -15.46
C ASN D 143 -54.80 -13.09 -14.31
N GLN D 144 -55.44 -11.94 -14.49
CA GLN D 144 -55.42 -10.86 -13.54
C GLN D 144 -56.04 -11.33 -12.21
N ALA D 145 -57.21 -11.96 -12.24
CA ALA D 145 -57.82 -12.44 -11.02
C ALA D 145 -56.93 -13.48 -10.29
N ALA D 146 -56.35 -14.42 -11.05
CA ALA D 146 -55.57 -15.49 -10.42
C ALA D 146 -54.29 -14.91 -9.80
N ALA D 147 -53.75 -13.91 -10.47
CA ALA D 147 -52.60 -13.18 -9.98
C ALA D 147 -52.91 -12.74 -8.55
N VAL D 148 -54.01 -12.00 -8.40
CA VAL D 148 -54.47 -11.50 -7.11
C VAL D 148 -54.65 -12.58 -6.04
N ARG D 149 -55.34 -13.64 -6.42
CA ARG D 149 -55.56 -14.78 -5.53
C ARG D 149 -54.26 -15.52 -5.18
N ILE D 150 -53.38 -15.76 -6.13
CA ILE D 150 -52.04 -16.31 -5.82
C ILE D 150 -51.20 -15.41 -4.85
N ALA D 151 -51.29 -14.08 -5.02
CA ALA D 151 -50.58 -13.09 -4.17
C ALA D 151 -51.05 -13.22 -2.74
N CYS D 152 -52.34 -13.26 -2.56
CA CYS D 152 -52.85 -13.42 -1.23
C CYS D 152 -52.30 -14.71 -0.60
N LEU D 153 -52.25 -15.79 -1.38
CA LEU D 153 -51.83 -17.10 -0.90
C LEU D 153 -50.33 -17.22 -0.66
N ILE D 154 -49.50 -16.54 -1.45
CA ILE D 154 -48.09 -16.47 -1.06
C ILE D 154 -47.98 -15.78 0.33
N ARG D 155 -48.84 -14.79 0.54
CA ARG D 155 -48.85 -14.02 1.78
C ARG D 155 -49.27 -14.85 3.02
N GLN D 156 -50.32 -15.67 2.91
CA GLN D 156 -50.66 -16.54 4.05
C GLN D 156 -49.54 -17.50 4.36
N SER D 157 -49.10 -18.25 3.34
CA SER D 157 -48.12 -19.29 3.56
C SER D 157 -46.90 -18.75 4.24
N VAL D 158 -46.33 -17.67 3.68
CA VAL D 158 -45.18 -17.04 4.31
C VAL D 158 -45.46 -16.55 5.74
N GLN D 159 -46.56 -15.80 5.92
CA GLN D 159 -46.91 -15.28 7.28
C GLN D 159 -47.21 -16.35 8.30
N SER D 160 -47.67 -17.52 7.85
CA SER D 160 -47.94 -18.63 8.82
C SER D 160 -46.64 -19.28 9.25
N SER D 161 -45.62 -19.20 8.41
CA SER D 161 -44.34 -19.82 8.68
C SER D 161 -43.33 -18.92 9.41
N THR D 162 -43.43 -17.62 9.20
CA THR D 162 -42.47 -16.72 9.81
C THR D 162 -43.01 -15.30 9.97
N LEU D 163 -42.43 -14.57 10.92
CA LEU D 163 -42.72 -13.17 11.10
C LEU D 163 -41.86 -12.29 10.18
N ILE D 164 -42.46 -11.76 9.13
CA ILE D 164 -41.75 -10.82 8.27
C ILE D 164 -42.69 -9.81 7.56
N ARG D 165 -42.17 -8.61 7.33
CA ARG D 165 -42.73 -7.63 6.40
C ARG D 165 -42.89 -8.20 5.01
N VAL D 166 -44.13 -8.29 4.52
CA VAL D 166 -44.42 -8.77 3.16
C VAL D 166 -45.16 -7.70 2.31
N LEU D 167 -44.52 -7.26 1.23
CA LEU D 167 -45.14 -6.25 0.31
C LEU D 167 -45.31 -6.77 -1.08
N PHE D 168 -46.40 -6.35 -1.72
CA PHE D 168 -46.69 -6.69 -3.12
C PHE D 168 -46.81 -5.49 -4.05
N TYR D 169 -46.26 -5.65 -5.24
CA TYR D 169 -46.38 -4.68 -6.37
C TYR D 169 -47.85 -4.52 -6.70
N HIS D 170 -48.29 -3.28 -6.65
CA HIS D 170 -49.69 -2.92 -6.85
C HIS D 170 -49.81 -2.08 -8.12
N THR D 171 -50.79 -2.40 -8.93
CA THR D 171 -51.11 -1.66 -10.11
C THR D 171 -52.60 -1.40 -9.95
N PRO D 172 -53.08 -0.21 -10.34
CA PRO D 172 -54.53 0.09 -10.38
C PRO D 172 -55.25 -0.36 -11.67
N ASP D 173 -56.52 -0.79 -11.61
CA ASP D 173 -57.27 -0.95 -12.90
C ASP D 173 -58.78 -0.82 -12.87
N GLN D 174 -59.30 -0.71 -14.10
CA GLN D 174 -60.72 -0.50 -14.42
C GLN D 174 -61.20 0.67 -13.61
N ASN D 175 -61.87 0.36 -12.49
CA ASN D 175 -62.32 1.34 -11.52
C ASN D 175 -61.14 2.12 -10.89
N HIS D 176 -59.93 1.55 -10.94
CA HIS D 176 -58.69 2.19 -10.42
C HIS D 176 -58.53 1.94 -8.92
N ILE D 177 -58.89 0.74 -8.47
CA ILE D 177 -58.48 0.30 -7.15
C ILE D 177 -57.14 -0.39 -7.36
N GLU D 178 -56.22 -0.17 -6.43
CA GLU D 178 -54.88 -0.72 -6.55
C GLU D 178 -54.93 -2.20 -6.22
N GLN D 179 -54.51 -3.02 -7.18
CA GLN D 179 -54.57 -4.46 -7.04
C GLN D 179 -53.17 -5.02 -6.94
N PRO D 180 -53.02 -6.16 -6.25
CA PRO D 180 -51.71 -6.80 -6.04
C PRO D 180 -51.12 -7.54 -7.24
N PHE D 181 -51.12 -6.93 -8.42
CA PHE D 181 -50.44 -7.56 -9.56
C PHE D 181 -49.55 -6.62 -10.34
N TYR D 182 -48.63 -7.19 -11.12
CA TYR D 182 -47.79 -6.43 -12.06
C TYR D 182 -48.16 -6.74 -13.55
N LEU D 183 -48.37 -5.70 -14.37
CA LEU D 183 -48.47 -5.84 -15.84
C LEU D 183 -47.16 -5.60 -16.54
N MET D 184 -46.56 -6.70 -16.93
CA MET D 184 -45.40 -6.64 -17.80
C MET D 184 -45.91 -6.12 -19.13
N GLY D 185 -45.19 -5.19 -19.72
CA GLY D 185 -45.67 -4.41 -20.88
C GLY D 185 -44.48 -3.82 -21.54
N ARG D 186 -44.50 -2.51 -21.82
CA ARG D 186 -43.42 -1.87 -22.61
C ARG D 186 -42.09 -1.79 -21.84
N ASP D 187 -42.17 -1.84 -20.53
CA ASP D 187 -40.98 -1.91 -19.69
C ASP D 187 -40.12 -3.17 -19.91
N LYS D 188 -40.71 -4.22 -20.46
CA LYS D 188 -39.96 -5.41 -20.77
C LYS D 188 -38.64 -5.21 -21.53
N ALA D 189 -38.70 -4.46 -22.61
CA ALA D 189 -37.48 -4.21 -23.41
C ALA D 189 -36.48 -3.42 -22.53
N LEU D 190 -36.96 -2.47 -21.70
CA LEU D 190 -36.03 -1.66 -20.89
C LEU D 190 -35.32 -2.58 -19.89
N ALA D 191 -36.07 -3.50 -19.26
CA ALA D 191 -35.57 -4.44 -18.27
C ALA D 191 -34.57 -5.37 -18.90
N VAL D 192 -34.83 -5.74 -20.18
CA VAL D 192 -33.94 -6.71 -20.88
C VAL D 192 -32.62 -6.00 -21.12
N GLU D 193 -32.70 -4.78 -21.65
CA GLU D 193 -31.50 -3.96 -21.85
C GLU D 193 -30.67 -3.75 -20.49
N GLN D 194 -31.35 -3.42 -19.37
CA GLN D 194 -30.59 -3.25 -18.15
C GLN D 194 -29.94 -4.55 -17.80
N PHE D 195 -30.70 -5.65 -17.86
CA PHE D 195 -30.16 -6.93 -17.47
C PHE D 195 -28.86 -7.26 -18.25
N ILE D 196 -28.83 -6.92 -19.53
CA ILE D 196 -27.67 -7.29 -20.38
C ILE D 196 -26.45 -6.45 -20.00
N SER D 197 -26.66 -5.12 -19.91
CA SER D 197 -25.62 -4.27 -19.34
C SER D 197 -25.04 -4.82 -17.98
N ARG D 198 -25.91 -5.06 -17.00
CA ARG D 198 -25.43 -5.61 -15.72
C ARG D 198 -24.61 -6.94 -15.83
N PHE D 199 -25.11 -7.81 -16.70
CA PHE D 199 -24.64 -9.19 -16.67
C PHE D 199 -23.23 -9.24 -17.26
N ASN D 200 -23.01 -8.47 -18.31
CA ASN D 200 -21.68 -8.30 -18.92
C ASN D 200 -20.63 -7.64 -18.01
N SER D 201 -21.08 -6.74 -17.15
CA SER D 201 -20.22 -6.04 -16.21
C SER D 201 -19.91 -6.93 -15.03
N GLY D 202 -20.60 -8.06 -14.95
CA GLY D 202 -20.46 -8.99 -13.83
C GLY D 202 -21.23 -8.62 -12.57
N TYR D 203 -22.24 -7.76 -12.67
CA TYR D 203 -23.04 -7.36 -11.51
C TYR D 203 -24.10 -8.32 -11.08
N ILE D 204 -24.36 -9.38 -11.80
CA ILE D 204 -25.43 -10.32 -11.36
C ILE D 204 -24.74 -11.61 -11.17
N LYS D 205 -24.73 -12.14 -9.95
CA LYS D 205 -24.07 -13.42 -9.69
C LYS D 205 -25.02 -14.33 -8.97
N ALA D 206 -24.61 -15.56 -8.81
CA ALA D 206 -25.45 -16.59 -8.26
C ALA D 206 -24.99 -16.66 -6.86
N SER D 207 -25.77 -17.30 -6.03
CA SER D 207 -25.33 -17.59 -4.66
C SER D 207 -24.90 -19.06 -4.55
N GLN D 208 -23.85 -19.38 -3.79
CA GLN D 208 -23.37 -20.79 -3.70
C GLN D 208 -24.52 -21.66 -3.19
N GLU D 209 -25.39 -21.05 -2.40
CA GLU D 209 -26.49 -21.75 -1.75
C GLU D 209 -27.82 -21.48 -2.37
N LEU D 210 -27.83 -21.17 -3.65
CA LEU D 210 -29.09 -20.96 -4.37
C LEU D 210 -30.07 -22.09 -4.02
N VAL D 211 -31.34 -21.77 -3.91
CA VAL D 211 -32.37 -22.73 -3.58
C VAL D 211 -33.32 -23.00 -4.74
N SER D 212 -33.31 -24.23 -5.28
CA SER D 212 -34.52 -24.72 -5.99
C SER D 212 -34.92 -26.08 -5.49
N TYR D 213 -36.08 -26.55 -5.93
CA TYR D 213 -36.60 -27.83 -5.51
C TYR D 213 -37.28 -28.48 -6.69
N THR D 214 -37.46 -27.66 -7.72
CA THR D 214 -38.21 -28.03 -8.92
C THR D 214 -37.26 -28.36 -10.07
N ILE D 215 -36.00 -28.03 -9.87
CA ILE D 215 -34.94 -28.33 -10.81
C ILE D 215 -34.04 -29.25 -10.01
N LYS D 216 -34.57 -30.43 -9.64
CA LYS D 216 -33.98 -31.25 -8.59
C LYS D 216 -32.76 -32.06 -9.07
N LEU D 217 -32.24 -32.88 -8.15
CA LEU D 217 -30.89 -33.48 -8.17
C LEU D 217 -30.05 -33.45 -9.48
N SER D 218 -30.57 -34.02 -10.57
CA SER D 218 -29.81 -34.18 -11.82
C SER D 218 -29.53 -32.91 -12.71
N HIS D 219 -30.36 -31.88 -12.59
CA HIS D 219 -30.26 -30.67 -13.46
C HIS D 219 -29.69 -29.55 -12.61
N ASP D 220 -28.60 -28.90 -13.03
CA ASP D 220 -28.06 -27.76 -12.23
C ASP D 220 -28.74 -26.41 -12.53
N PRO D 221 -29.21 -25.70 -11.46
CA PRO D 221 -29.97 -24.46 -11.64
C PRO D 221 -29.20 -23.45 -12.46
N ILE D 222 -27.93 -23.25 -12.13
CA ILE D 222 -27.19 -22.24 -12.88
C ILE D 222 -27.03 -22.59 -14.35
N GLU D 223 -26.74 -23.85 -14.65
CA GLU D 223 -26.51 -24.28 -16.01
C GLU D 223 -27.78 -24.21 -16.88
N TYR D 224 -28.93 -24.43 -16.23
CA TYR D 224 -30.21 -24.41 -16.89
C TYR D 224 -30.57 -22.94 -17.19
N LEU D 225 -30.16 -22.03 -16.30
CA LEU D 225 -30.33 -20.62 -16.54
C LEU D 225 -29.33 -20.15 -17.59
N LEU D 226 -28.12 -20.68 -17.57
CA LEU D 226 -27.09 -20.22 -18.45
C LEU D 226 -27.42 -20.60 -19.89
N GLU D 227 -28.33 -21.54 -20.04
CA GLU D 227 -28.82 -21.91 -21.37
C GLU D 227 -29.97 -20.98 -21.87
N GLN D 228 -30.77 -20.47 -20.94
CA GLN D 228 -31.83 -19.54 -21.36
C GLN D 228 -31.23 -18.18 -21.67
N ILE D 229 -30.15 -17.85 -21.00
CA ILE D 229 -29.44 -16.61 -21.21
C ILE D 229 -28.81 -16.58 -22.60
N GLN D 230 -28.22 -17.68 -23.05
CA GLN D 230 -27.56 -17.67 -24.35
C GLN D 230 -28.54 -17.72 -25.53
N ASN D 231 -29.77 -18.15 -25.29
CA ASN D 231 -30.84 -18.12 -26.31
C ASN D 231 -31.73 -16.89 -26.16
N LEU D 232 -31.12 -15.74 -25.85
CA LEU D 232 -31.88 -14.58 -25.40
C LEU D 232 -31.91 -13.49 -26.48
N HIS D 233 -33.09 -12.92 -26.71
CA HIS D 233 -33.29 -11.93 -27.79
C HIS D 233 -34.13 -10.71 -27.42
N ARG D 234 -34.14 -9.76 -28.34
CA ARG D 234 -35.07 -8.62 -28.32
C ARG D 234 -35.97 -8.82 -29.53
N ASP D 255 -37.81 -19.69 -22.09
CA ASP D 255 -37.81 -18.28 -21.60
C ASP D 255 -38.24 -17.96 -20.14
N ASP D 256 -39.21 -18.69 -19.63
CA ASP D 256 -39.87 -18.33 -18.36
C ASP D 256 -38.88 -17.96 -17.23
N LEU D 257 -37.72 -18.64 -17.18
CA LEU D 257 -36.84 -18.44 -16.01
C LEU D 257 -35.93 -17.21 -16.09
N ILE D 258 -35.34 -16.98 -17.27
CA ILE D 258 -34.47 -15.83 -17.41
C ILE D 258 -35.31 -14.54 -17.27
N ILE D 259 -36.55 -14.59 -17.76
CA ILE D 259 -37.45 -13.47 -17.67
C ILE D 259 -37.64 -13.13 -16.16
N ALA D 260 -37.82 -14.17 -15.34
CA ALA D 260 -38.15 -13.97 -13.93
C ALA D 260 -36.95 -13.28 -13.31
N VAL D 261 -35.76 -13.74 -13.67
CA VAL D 261 -34.58 -13.17 -13.08
C VAL D 261 -34.42 -11.71 -13.63
N ILE D 262 -34.71 -11.51 -14.90
CA ILE D 262 -34.58 -10.18 -15.48
C ILE D 262 -35.47 -9.14 -14.76
N MET D 263 -36.72 -9.51 -14.51
CA MET D 263 -37.69 -8.65 -13.88
C MET D 263 -37.48 -8.47 -12.39
N ALA D 264 -36.98 -9.50 -11.69
CA ALA D 264 -36.73 -9.35 -10.30
C ALA D 264 -35.56 -8.37 -10.03
N THR D 265 -34.47 -8.47 -10.82
CA THR D 265 -33.41 -7.45 -10.73
C THR D 265 -33.86 -6.04 -11.19
N TYR D 266 -34.54 -5.91 -12.32
CA TYR D 266 -35.20 -4.62 -12.73
C TYR D 266 -36.03 -3.97 -11.54
N LEU D 267 -36.92 -4.70 -10.94
CA LEU D 267 -37.74 -4.19 -9.84
C LEU D 267 -37.01 -3.83 -8.51
N CYS D 268 -35.71 -4.09 -8.40
CA CYS D 268 -34.94 -3.69 -7.23
C CYS D 268 -34.66 -2.21 -7.25
N ASP D 269 -34.77 -1.52 -8.38
CA ASP D 269 -34.36 -0.11 -8.32
C ASP D 269 -35.37 0.73 -7.49
N ASP D 270 -34.86 1.77 -6.84
CA ASP D 270 -35.61 2.64 -6.03
C ASP D 270 -36.85 3.27 -6.67
N ILE D 271 -36.77 3.53 -7.97
CA ILE D 271 -37.87 4.12 -8.67
C ILE D 271 -39.12 3.27 -8.49
N HIS D 272 -38.99 1.96 -8.31
CA HIS D 272 -40.15 1.09 -8.14
C HIS D 272 -40.61 0.94 -6.68
N ALA D 273 -39.85 1.47 -5.71
CA ALA D 273 -40.16 1.26 -4.29
C ALA D 273 -41.61 1.69 -3.90
N ILE D 274 -42.06 2.89 -4.26
CA ILE D 274 -43.46 3.36 -3.93
C ILE D 274 -44.56 2.44 -4.45
N ARG D 275 -44.23 1.61 -5.47
CA ARG D 275 -45.22 0.68 -6.05
C ARG D 275 -45.51 -0.56 -5.19
N PHE D 276 -44.69 -0.89 -4.20
CA PHE D 276 -44.95 -2.06 -3.31
C PHE D 276 -45.62 -1.61 -2.01
N ARG D 277 -46.74 -2.22 -1.65
CA ARG D 277 -47.43 -1.90 -0.40
C ARG D 277 -47.80 -3.19 0.26
N VAL D 278 -48.11 -3.07 1.54
CA VAL D 278 -48.64 -4.16 2.30
C VAL D 278 -49.87 -4.74 1.65
N SER D 279 -49.73 -6.04 1.62
CA SER D 279 -50.64 -7.07 1.23
C SER D 279 -51.93 -7.24 2.07
MG MG E . 30.97 17.04 3.60
MG MG F . -1.33 8.91 -21.12
MG MG G . 6.64 24.06 1.87
MG MG H . 13.41 -20.64 9.29
MG MG I . -15.83 -15.23 7.77
MG MG J . -47.26 -14.09 -18.31
MG MG K . -20.26 -25.43 -15.40
#